data_4O1Z
#
_entry.id   4O1Z
#
_cell.length_a   181.326
_cell.length_b   181.326
_cell.length_c   103.213
_cell.angle_alpha   90.00
_cell.angle_beta   90.00
_cell.angle_gamma   120.00
#
_symmetry.space_group_name_H-M   'P 65'
#
loop_
_entity.id
_entity.type
_entity.pdbx_description
1 polymer 'Prostaglandin G/H synthase 1'
2 branched 2-acetamido-2-deoxy-beta-D-glucopyranose-(1-4)-2-acetamido-2-deoxy-beta-D-glucopyranose
3 non-polymer 'PROTOPORPHYRIN IX CONTAINING FE'
4 non-polymer 2-acetamido-2-deoxy-beta-D-glucopyranose
5 non-polymer '4-hydroxy-2-methyl-N-(5-methyl-1,3-thiazol-2-yl)-2H-1,2-benzothiazine-3-carboxamide 1,1-dioxide'
6 water water
#
_entity_poly.entity_id   1
_entity_poly.type   'polypeptide(L)'
_entity_poly.pdbx_seq_one_letter_code
;PVNPCCYYPCQHQGICVRFGLDRYQCDCTRTGYSGPNCTIPEIWTWLRTTLRPSPSFIHFLLTHGRWLWDFVNATFIRDT
LMRLVLTVRSNLIPSPPTYNIAHDYISWESFSNVSYYTRILPSVPRDCPTPMGTKGKKQLPDAEFLSRRFLLRRKFIPDP
QGTNLMFAFFAQHFTHQFFKTSGKMGPGFTKALGHGVDLGHIYGDNLERQYQLRLFKDGKLKYQMLNGEVYPPSVEEAPV
LMHYPRGIPPQSQMAVGQEVFGLLPGLMLYATIWLREHNRVCDLLKAEHPTWGDEQLFQTARLILIGETIKIVIEEYVQQ
LSGYFLQLKFDPELLFGAQFQYRNRIAMEFNQLYHWHPLMPDSFRVGPQDYSYEQFLFNTSMLVDYGVEALVDAFSRQPA
GRIGGGRNIDHHILHVAVDVIKESRVLRLQPFNEYRKRFGMKPYTSFQELTGEKEMAAELEELYGDIDALEFYPGLLLEK
CHPNSIFGESMIEMGAPFSLKGLLGNPICSPEYWKASTFGGEVGFNLVKTATLKKLVCLNTKTCPYVSFHVPDPRQEDRP
GVERPPTEL
;
_entity_poly.pdbx_strand_id   A,B
#
loop_
_chem_comp.id
_chem_comp.type
_chem_comp.name
_chem_comp.formula
HEM non-polymer 'PROTOPORPHYRIN IX CONTAINING FE' 'C34 H32 Fe N4 O4'
MXM non-polymer '4-hydroxy-2-methyl-N-(5-methyl-1,3-thiazol-2-yl)-2H-1,2-benzothiazine-3-carboxamide 1,1-dioxide' 'C14 H13 N3 O4 S2'
NAG D-saccharide, beta linking 2-acetamido-2-deoxy-beta-D-glucopyranose 'C8 H15 N O6'
#
# COMPACT_ATOMS: atom_id res chain seq x y z
N PRO A 1 3.91 -18.98 -35.98
CA PRO A 1 5.09 -18.31 -35.42
C PRO A 1 5.20 -18.50 -33.92
N VAL A 2 6.30 -19.08 -33.46
CA VAL A 2 6.49 -19.33 -32.04
C VAL A 2 6.69 -18.04 -31.25
N ASN A 3 6.12 -17.98 -30.05
CA ASN A 3 6.36 -16.87 -29.14
C ASN A 3 7.81 -16.89 -28.69
N PRO A 4 8.56 -15.83 -28.99
CA PRO A 4 9.99 -15.74 -28.66
C PRO A 4 10.24 -15.66 -27.16
N CYS A 5 9.28 -15.10 -26.43
CA CYS A 5 9.38 -15.00 -24.97
C CYS A 5 9.41 -16.36 -24.31
N CYS A 6 9.04 -17.39 -25.07
CA CYS A 6 9.11 -18.77 -24.57
C CYS A 6 10.54 -19.22 -24.34
N TYR A 7 11.49 -18.58 -25.02
CA TYR A 7 12.89 -18.99 -24.89
C TYR A 7 13.55 -18.34 -23.69
N TYR A 8 12.79 -17.51 -22.98
CA TYR A 8 13.30 -16.71 -21.88
C TYR A 8 14.59 -16.01 -22.24
N PRO A 9 14.57 -15.22 -23.32
CA PRO A 9 15.79 -14.64 -23.87
C PRO A 9 16.35 -13.54 -22.99
N CYS A 10 15.47 -12.82 -22.31
CA CYS A 10 15.87 -11.67 -21.53
C CYS A 10 16.56 -12.11 -20.26
N GLN A 11 17.78 -11.63 -20.08
CA GLN A 11 18.62 -12.03 -18.96
C GLN A 11 18.68 -10.97 -17.88
N HIS A 12 19.00 -11.40 -16.65
CA HIS A 12 19.22 -10.51 -15.52
C HIS A 12 18.05 -9.55 -15.31
N GLN A 13 16.86 -10.12 -15.15
CA GLN A 13 15.63 -9.40 -14.83
C GLN A 13 15.19 -8.42 -15.93
N GLY A 14 15.66 -8.63 -17.15
CA GLY A 14 15.18 -7.87 -18.29
C GLY A 14 13.75 -8.27 -18.65
N ILE A 15 12.99 -7.34 -19.21
CA ILE A 15 11.57 -7.62 -19.47
C ILE A 15 11.29 -7.89 -20.94
N CYS A 16 10.88 -9.13 -21.23
CA CYS A 16 10.58 -9.51 -22.60
C CYS A 16 9.23 -8.97 -23.02
N VAL A 17 9.23 -8.20 -24.10
CA VAL A 17 8.02 -7.63 -24.63
C VAL A 17 7.85 -8.03 -26.08
N ARG A 18 6.67 -8.60 -26.37
CA ARG A 18 6.32 -9.11 -27.68
C ARG A 18 6.07 -7.96 -28.65
N PHE A 19 6.89 -7.86 -29.70
CA PHE A 19 6.70 -6.83 -30.73
C PHE A 19 6.38 -7.46 -32.07
N GLY A 20 5.54 -6.80 -32.85
CA GLY A 20 5.14 -7.32 -34.15
C GLY A 20 4.48 -8.69 -34.06
N LEU A 21 4.59 -9.45 -35.14
CA LEU A 21 3.97 -10.77 -35.20
C LEU A 21 4.90 -11.89 -34.72
N ASP A 22 6.19 -11.61 -34.65
CA ASP A 22 7.15 -12.64 -34.25
C ASP A 22 8.45 -12.08 -33.70
N ARG A 23 8.44 -10.83 -33.26
CA ARG A 23 9.65 -10.20 -32.71
C ARG A 23 9.55 -9.95 -31.21
N TYR A 24 10.67 -9.59 -30.61
CA TYR A 24 10.69 -9.28 -29.19
C TYR A 24 11.71 -8.19 -28.89
N GLN A 25 11.53 -7.53 -27.75
CA GLN A 25 12.54 -6.61 -27.26
C GLN A 25 12.68 -6.77 -25.75
N CYS A 26 13.89 -6.57 -25.24
CA CYS A 26 14.14 -6.67 -23.81
C CYS A 26 14.26 -5.28 -23.20
N ASP A 27 13.46 -5.02 -22.17
CA ASP A 27 13.63 -3.79 -21.43
C ASP A 27 14.70 -4.04 -20.39
N CYS A 28 15.85 -3.40 -20.57
CA CYS A 28 17.03 -3.60 -19.74
C CYS A 28 17.22 -2.52 -18.66
N THR A 29 16.19 -1.69 -18.48
CA THR A 29 16.30 -0.53 -17.61
C THR A 29 16.68 -0.89 -16.18
N ARG A 30 17.74 -0.25 -15.69
CA ARG A 30 18.21 -0.39 -14.31
C ARG A 30 18.50 -1.84 -13.90
N THR A 31 18.83 -2.68 -14.88
CA THR A 31 19.23 -4.05 -14.64
C THR A 31 20.73 -4.16 -14.40
N GLY A 32 21.46 -3.15 -14.87
CA GLY A 32 22.92 -3.15 -14.78
C GLY A 32 23.57 -3.80 -15.98
N TYR A 33 22.76 -4.10 -17.00
CA TYR A 33 23.24 -4.75 -18.22
C TYR A 33 22.73 -4.01 -19.45
N SER A 34 23.30 -4.33 -20.59
CA SER A 34 22.88 -3.74 -21.85
C SER A 34 22.96 -4.78 -22.94
N GLY A 35 22.65 -4.37 -24.17
CA GLY A 35 22.64 -5.30 -25.29
C GLY A 35 21.24 -5.84 -25.53
N PRO A 36 21.07 -6.61 -26.60
CA PRO A 36 19.80 -7.20 -27.03
C PRO A 36 19.13 -8.07 -25.95
N ASN A 37 19.93 -8.85 -25.24
CA ASN A 37 19.40 -9.78 -24.25
C ASN A 37 19.79 -9.36 -22.83
N CYS A 38 20.26 -8.13 -22.69
CA CYS A 38 20.75 -7.62 -21.41
C CYS A 38 21.90 -8.48 -20.89
N THR A 39 22.92 -8.67 -21.73
CA THR A 39 24.03 -9.55 -21.39
C THR A 39 25.35 -8.81 -21.36
N ILE A 40 25.30 -7.53 -21.68
CA ILE A 40 26.49 -6.71 -21.66
C ILE A 40 26.48 -5.82 -20.42
N PRO A 41 27.34 -6.15 -19.44
CA PRO A 41 27.36 -5.51 -18.13
C PRO A 41 27.96 -4.11 -18.12
N GLU A 42 27.46 -3.25 -17.24
CA GLU A 42 28.09 -1.96 -16.98
C GLU A 42 29.33 -2.19 -16.13
N ILE A 43 30.19 -1.17 -16.06
CA ILE A 43 31.46 -1.31 -15.38
C ILE A 43 31.26 -1.71 -13.91
N TRP A 44 30.34 -1.05 -13.23
CA TRP A 44 30.12 -1.30 -11.81
C TRP A 44 29.45 -2.65 -11.56
N THR A 45 28.57 -3.04 -12.48
CA THR A 45 27.97 -4.36 -12.43
C THR A 45 29.07 -5.41 -12.53
N TRP A 46 29.89 -5.28 -13.55
CA TRP A 46 31.01 -6.18 -13.79
C TRP A 46 31.90 -6.32 -12.56
N LEU A 47 32.34 -5.17 -12.04
CA LEU A 47 33.13 -5.12 -10.82
C LEU A 47 32.44 -5.89 -9.70
N ARG A 48 31.16 -5.56 -9.48
CA ARG A 48 30.40 -6.13 -8.39
C ARG A 48 30.27 -7.64 -8.52
N THR A 49 30.13 -8.10 -9.75
CA THR A 49 29.88 -9.52 -10.04
C THR A 49 31.16 -10.35 -9.96
N THR A 50 32.29 -9.72 -10.25
CA THR A 50 33.56 -10.41 -10.12
C THR A 50 33.92 -10.61 -8.65
N LEU A 51 33.67 -9.60 -7.83
CA LEU A 51 34.08 -9.63 -6.42
C LEU A 51 33.10 -10.39 -5.54
N ARG A 52 31.97 -10.79 -6.11
CA ARG A 52 30.93 -11.47 -5.32
C ARG A 52 31.19 -12.96 -5.17
N PRO A 53 31.42 -13.40 -3.94
CA PRO A 53 31.54 -14.83 -3.66
C PRO A 53 30.22 -15.56 -3.89
N SER A 54 30.28 -16.88 -4.01
CA SER A 54 29.08 -17.69 -4.18
C SER A 54 28.28 -17.76 -2.89
N PRO A 55 26.96 -18.03 -3.00
CA PRO A 55 26.09 -18.27 -1.84
C PRO A 55 26.58 -19.38 -0.89
N SER A 56 27.17 -20.42 -1.44
CA SER A 56 27.72 -21.51 -0.63
C SER A 56 28.87 -21.04 0.26
N PHE A 57 29.73 -20.19 -0.30
CA PHE A 57 30.85 -19.61 0.42
C PHE A 57 30.33 -18.80 1.59
N ILE A 58 29.34 -17.96 1.31
CA ILE A 58 28.72 -17.11 2.32
C ILE A 58 28.10 -17.96 3.41
N HIS A 59 27.54 -19.08 3.00
CA HIS A 59 26.93 -20.02 3.93
C HIS A 59 27.99 -20.60 4.85
N PHE A 60 29.11 -21.01 4.26
CA PHE A 60 30.26 -21.51 5.01
C PHE A 60 30.72 -20.49 6.04
N LEU A 61 30.90 -19.26 5.57
CA LEU A 61 31.31 -18.16 6.42
C LEU A 61 30.39 -18.05 7.61
N LEU A 62 29.08 -18.01 7.34
CA LEU A 62 28.08 -17.83 8.37
C LEU A 62 27.95 -19.04 9.29
N THR A 63 28.51 -20.17 8.87
CA THR A 63 28.34 -21.40 9.63
C THR A 63 29.66 -21.96 10.16
N HIS A 64 30.70 -21.14 10.16
CA HIS A 64 32.00 -21.60 10.66
C HIS A 64 32.73 -20.49 11.40
N GLY A 65 33.67 -20.91 12.26
CA GLY A 65 34.46 -19.98 13.02
C GLY A 65 33.65 -19.24 14.06
N ARG A 66 33.13 -19.98 15.04
CA ARG A 66 32.34 -19.41 16.13
C ARG A 66 33.06 -18.27 16.84
N TRP A 67 34.39 -18.31 16.83
CA TRP A 67 35.19 -17.28 17.48
C TRP A 67 34.95 -15.92 16.83
N LEU A 68 35.24 -15.85 15.53
CA LEU A 68 35.08 -14.63 14.75
C LEU A 68 33.70 -14.03 14.92
N TRP A 69 32.69 -14.91 14.87
CA TRP A 69 31.31 -14.49 14.99
C TRP A 69 30.98 -14.02 16.39
N ASP A 70 31.58 -14.66 17.40
CA ASP A 70 31.34 -14.25 18.77
C ASP A 70 31.96 -12.88 19.01
N PHE A 71 32.95 -12.54 18.20
CA PHE A 71 33.51 -11.18 18.24
C PHE A 71 32.63 -10.18 17.51
N VAL A 72 32.21 -10.56 16.31
CA VAL A 72 31.36 -9.70 15.49
C VAL A 72 30.06 -9.34 16.20
N ASN A 73 29.50 -10.33 16.88
CA ASN A 73 28.22 -10.17 17.56
C ASN A 73 28.27 -9.24 18.76
N ALA A 74 29.47 -8.98 19.28
CA ALA A 74 29.61 -8.07 20.42
C ALA A 74 29.98 -6.67 19.95
N THR A 75 29.98 -6.47 18.63
CA THR A 75 30.33 -5.19 18.04
C THR A 75 29.22 -4.62 17.18
N PHE A 76 29.51 -3.50 16.53
CA PHE A 76 28.57 -2.87 15.62
C PHE A 76 28.66 -3.53 14.25
N ILE A 77 29.62 -4.43 14.10
CA ILE A 77 29.77 -5.18 12.87
C ILE A 77 28.55 -6.05 12.66
N ARG A 78 27.95 -6.48 13.77
CA ARG A 78 26.67 -7.16 13.74
C ARG A 78 25.67 -6.31 12.97
N ASP A 79 25.54 -5.05 13.36
CA ASP A 79 24.56 -4.16 12.75
C ASP A 79 24.88 -3.89 11.30
N THR A 80 26.17 -3.73 11.02
CA THR A 80 26.61 -3.44 9.67
C THR A 80 26.25 -4.58 8.73
N LEU A 81 26.61 -5.78 9.14
CA LEU A 81 26.34 -6.98 8.38
C LEU A 81 24.86 -7.21 8.22
N MET A 82 24.13 -7.06 9.31
CA MET A 82 22.70 -7.24 9.32
C MET A 82 22.06 -6.30 8.31
N ARG A 83 22.55 -5.07 8.27
CA ARG A 83 22.03 -4.07 7.35
C ARG A 83 22.37 -4.43 5.92
N LEU A 84 23.58 -4.91 5.72
CA LEU A 84 24.03 -5.36 4.42
C LEU A 84 23.10 -6.44 3.90
N VAL A 85 22.93 -7.46 4.73
CA VAL A 85 22.07 -8.58 4.41
C VAL A 85 20.66 -8.11 4.09
N LEU A 86 20.14 -7.22 4.92
CA LEU A 86 18.80 -6.70 4.73
C LEU A 86 18.64 -6.04 3.37
N THR A 87 19.49 -5.06 3.10
CA THR A 87 19.45 -4.36 1.83
C THR A 87 19.53 -5.32 0.67
N VAL A 88 20.61 -6.10 0.66
CA VAL A 88 20.88 -7.03 -0.43
C VAL A 88 19.72 -7.97 -0.68
N ARG A 89 19.22 -8.59 0.38
CA ARG A 89 18.09 -9.52 0.26
C ARG A 89 16.82 -8.84 -0.25
N SER A 90 16.49 -7.69 0.34
CA SER A 90 15.25 -6.98 0.03
C SER A 90 15.20 -6.41 -1.39
N ASN A 91 16.37 -6.13 -1.95
CA ASN A 91 16.42 -5.55 -3.28
C ASN A 91 16.02 -6.52 -4.40
N LEU A 92 15.95 -7.81 -4.08
CA LEU A 92 15.56 -8.82 -5.06
C LEU A 92 14.06 -8.80 -5.33
N ILE A 93 13.29 -8.53 -4.27
CA ILE A 93 11.83 -8.53 -4.36
C ILE A 93 11.29 -7.19 -4.84
N PRO A 94 10.59 -7.21 -5.98
CA PRO A 94 10.00 -5.99 -6.54
C PRO A 94 8.97 -5.37 -5.62
N SER A 95 9.09 -4.06 -5.41
CA SER A 95 8.14 -3.30 -4.63
C SER A 95 8.01 -1.90 -5.25
N PRO A 96 6.80 -1.52 -5.70
CA PRO A 96 5.51 -2.22 -5.68
C PRO A 96 5.49 -3.49 -6.53
N PRO A 97 4.59 -4.43 -6.20
CA PRO A 97 4.47 -5.73 -6.88
C PRO A 97 4.18 -5.62 -8.38
N THR A 98 4.62 -6.62 -9.14
CA THR A 98 4.56 -6.57 -10.60
C THR A 98 3.38 -7.32 -11.21
N TYR A 99 3.47 -8.64 -11.24
CA TYR A 99 2.54 -9.46 -12.01
C TYR A 99 1.55 -10.24 -11.12
N ASN A 100 0.51 -10.80 -11.75
CA ASN A 100 -0.36 -11.78 -11.09
C ASN A 100 -0.81 -12.86 -12.06
N ILE A 101 -1.68 -13.76 -11.61
CA ILE A 101 -2.10 -14.90 -12.44
C ILE A 101 -2.75 -14.44 -13.74
N ALA A 102 -3.43 -13.30 -13.70
CA ALA A 102 -4.14 -12.78 -14.86
C ALA A 102 -3.25 -11.95 -15.78
N HIS A 103 -2.27 -11.27 -15.18
CA HIS A 103 -1.45 -10.30 -15.91
C HIS A 103 0.05 -10.56 -15.82
N ASP A 104 0.66 -10.83 -16.98
CA ASP A 104 2.09 -11.10 -17.05
C ASP A 104 2.83 -9.83 -17.46
N TYR A 105 2.27 -8.70 -17.07
CA TYR A 105 2.81 -7.39 -17.36
C TYR A 105 2.34 -6.48 -16.24
N ILE A 106 2.93 -5.30 -16.11
CA ILE A 106 2.52 -4.39 -15.05
C ILE A 106 1.19 -3.75 -15.42
N SER A 107 0.23 -3.76 -14.48
CA SER A 107 -1.09 -3.18 -14.70
C SER A 107 -1.62 -2.52 -13.43
N TRP A 108 -2.59 -1.62 -13.58
CA TRP A 108 -3.18 -0.97 -12.42
C TRP A 108 -4.00 -1.97 -11.59
N GLU A 109 -4.55 -2.97 -12.25
CA GLU A 109 -5.37 -3.97 -11.59
C GLU A 109 -4.53 -4.88 -10.70
N SER A 110 -3.31 -5.15 -11.17
CA SER A 110 -2.38 -5.97 -10.41
C SER A 110 -1.81 -5.23 -9.20
N PHE A 111 -1.80 -3.90 -9.27
CA PHE A 111 -1.42 -3.08 -8.13
C PHE A 111 -2.55 -2.95 -7.11
N SER A 112 -3.76 -2.69 -7.60
CA SER A 112 -4.87 -2.33 -6.71
C SER A 112 -5.64 -3.51 -6.15
N ASN A 113 -5.75 -4.60 -6.93
CA ASN A 113 -6.56 -5.74 -6.51
C ASN A 113 -5.73 -6.70 -5.68
N VAL A 114 -5.82 -6.55 -4.35
CA VAL A 114 -5.02 -7.38 -3.45
C VAL A 114 -5.65 -8.74 -3.16
N SER A 115 -6.62 -9.14 -3.99
CA SER A 115 -7.13 -10.50 -3.92
C SER A 115 -6.18 -11.46 -4.60
N TYR A 116 -5.36 -10.93 -5.52
CA TYR A 116 -4.33 -11.72 -6.19
C TYR A 116 -3.07 -11.90 -5.34
N TYR A 117 -2.49 -13.10 -5.40
CA TYR A 117 -1.08 -13.29 -5.08
C TYR A 117 -0.30 -12.64 -6.19
N THR A 118 0.93 -12.21 -5.91
CA THR A 118 1.76 -11.68 -6.98
C THR A 118 2.74 -12.75 -7.42
N ARG A 119 3.55 -12.43 -8.41
CA ARG A 119 4.58 -13.36 -8.85
C ARG A 119 5.82 -12.61 -9.32
N ILE A 120 6.98 -13.23 -9.13
CA ILE A 120 8.25 -12.60 -9.43
C ILE A 120 8.57 -12.77 -10.90
N LEU A 121 8.33 -13.97 -11.39
CA LEU A 121 8.50 -14.25 -12.80
C LEU A 121 7.13 -14.39 -13.42
N PRO A 122 6.98 -13.95 -14.67
CA PRO A 122 5.73 -14.16 -15.41
C PRO A 122 5.49 -15.64 -15.69
N SER A 123 4.25 -16.01 -15.99
CA SER A 123 3.94 -17.40 -16.28
C SER A 123 4.49 -17.81 -17.64
N VAL A 124 4.65 -19.11 -17.84
CA VAL A 124 5.00 -19.63 -19.15
C VAL A 124 3.84 -19.32 -20.10
N PRO A 125 4.13 -18.61 -21.20
CA PRO A 125 3.13 -18.20 -22.19
C PRO A 125 2.27 -19.38 -22.65
N ARG A 126 0.97 -19.16 -22.80
CA ARG A 126 0.06 -20.25 -23.15
C ARG A 126 0.25 -20.75 -24.59
N ASP A 127 1.13 -20.10 -25.36
CA ASP A 127 1.39 -20.51 -26.74
C ASP A 127 2.80 -21.08 -26.91
N CYS A 128 3.21 -21.91 -25.96
CA CYS A 128 4.55 -22.47 -25.98
C CYS A 128 4.52 -23.92 -26.41
N PRO A 129 5.61 -24.39 -27.03
CA PRO A 129 5.78 -25.78 -27.47
C PRO A 129 5.66 -26.80 -26.34
N THR A 130 6.54 -26.68 -25.35
CA THR A 130 6.51 -27.55 -24.19
C THR A 130 5.88 -26.80 -23.02
N PRO A 131 5.37 -27.54 -22.01
CA PRO A 131 4.73 -26.91 -20.85
C PRO A 131 5.60 -25.90 -20.09
N MET A 132 6.92 -26.06 -20.20
CA MET A 132 7.85 -25.22 -19.46
C MET A 132 8.54 -24.19 -20.34
N GLY A 133 8.19 -24.17 -21.62
CA GLY A 133 8.81 -23.26 -22.55
C GLY A 133 9.22 -23.90 -23.86
N THR A 134 10.49 -24.28 -23.97
CA THR A 134 10.98 -24.90 -25.20
C THR A 134 11.74 -26.19 -24.93
N LYS A 135 11.99 -26.47 -23.66
CA LYS A 135 12.71 -27.68 -23.26
C LYS A 135 11.75 -28.71 -22.66
N GLY A 136 12.17 -29.97 -22.63
CA GLY A 136 11.36 -31.01 -22.01
C GLY A 136 10.43 -31.71 -22.98
N LYS A 137 9.56 -32.55 -22.43
CA LYS A 137 8.63 -33.33 -23.24
C LYS A 137 7.32 -32.60 -23.39
N LYS A 138 6.42 -33.14 -24.20
CA LYS A 138 5.13 -32.53 -24.42
C LYS A 138 4.27 -32.65 -23.18
N GLN A 139 4.58 -33.62 -22.34
CA GLN A 139 3.80 -33.83 -21.13
C GLN A 139 4.70 -33.90 -19.90
N LEU A 140 4.30 -33.22 -18.84
CA LEU A 140 5.06 -33.20 -17.60
C LEU A 140 4.89 -34.51 -16.86
N PRO A 141 5.89 -34.86 -16.02
CA PRO A 141 5.76 -36.09 -15.23
C PRO A 141 4.51 -36.09 -14.38
N ASP A 142 3.94 -37.27 -14.17
CA ASP A 142 2.77 -37.42 -13.33
C ASP A 142 3.09 -36.96 -11.92
N ALA A 143 2.30 -36.02 -11.41
CA ALA A 143 2.53 -35.45 -10.08
C ALA A 143 2.54 -36.51 -9.00
N GLU A 144 1.55 -37.39 -9.04
CA GLU A 144 1.44 -38.52 -8.11
C GLU A 144 2.67 -39.42 -8.16
N PHE A 145 3.10 -39.76 -9.37
CA PHE A 145 4.28 -40.60 -9.54
C PHE A 145 5.54 -39.91 -9.03
N LEU A 146 5.71 -38.65 -9.43
CA LEU A 146 6.80 -37.83 -8.94
C LEU A 146 6.88 -37.89 -7.43
N SER A 147 5.74 -37.65 -6.79
CA SER A 147 5.66 -37.63 -5.34
C SER A 147 6.02 -38.99 -4.74
N ARG A 148 5.35 -40.03 -5.19
CA ARG A 148 5.59 -41.39 -4.71
C ARG A 148 7.06 -41.78 -4.86
N ARG A 149 7.67 -41.37 -5.97
CA ARG A 149 9.04 -41.76 -6.27
C ARG A 149 10.11 -40.96 -5.54
N PHE A 150 9.88 -39.67 -5.34
CA PHE A 150 10.96 -38.81 -4.86
C PHE A 150 10.62 -38.03 -3.61
N LEU A 151 9.37 -38.08 -3.18
CA LEU A 151 8.98 -37.30 -2.02
C LEU A 151 8.43 -38.17 -0.90
N LEU A 152 7.97 -39.37 -1.23
CA LEU A 152 7.43 -40.27 -0.23
C LEU A 152 8.51 -40.65 0.78
N ARG A 153 8.21 -40.44 2.06
CA ARG A 153 9.12 -40.82 3.13
C ARG A 153 9.13 -42.32 3.31
N ARG A 154 10.33 -42.89 3.23
CA ARG A 154 10.49 -44.31 3.49
C ARG A 154 10.87 -44.44 4.94
N LYS A 155 12.04 -43.93 5.27
CA LYS A 155 12.48 -43.86 6.65
C LYS A 155 12.49 -42.39 7.08
N PHE A 156 12.10 -42.14 8.33
CA PHE A 156 12.09 -40.78 8.87
C PHE A 156 13.50 -40.20 8.91
N ILE A 157 13.67 -39.05 8.29
CA ILE A 157 14.95 -38.36 8.22
C ILE A 157 14.87 -37.11 9.08
N PRO A 158 15.32 -37.20 10.33
CA PRO A 158 15.19 -36.08 11.24
C PRO A 158 16.02 -34.91 10.77
N ASP A 159 15.64 -33.70 11.15
CA ASP A 159 16.40 -32.52 10.78
C ASP A 159 17.71 -32.46 11.54
N PRO A 160 18.82 -32.43 10.81
CA PRO A 160 20.16 -32.37 11.42
C PRO A 160 20.40 -31.13 12.28
N GLN A 161 19.50 -30.15 12.28
CA GLN A 161 19.73 -28.91 13.02
C GLN A 161 19.13 -28.93 14.42
N GLY A 162 18.36 -29.97 14.71
CA GLY A 162 17.76 -30.12 16.02
C GLY A 162 16.35 -29.57 16.13
N THR A 163 15.79 -29.17 15.00
CA THR A 163 14.43 -28.61 14.94
C THR A 163 13.39 -29.52 15.58
N ASN A 164 12.48 -28.92 16.34
CA ASN A 164 11.41 -29.67 16.98
C ASN A 164 10.06 -29.37 16.35
N LEU A 165 9.00 -29.96 16.88
CA LEU A 165 7.67 -29.79 16.32
C LEU A 165 7.04 -28.49 16.81
N MET A 166 7.63 -27.91 17.86
CA MET A 166 7.21 -26.59 18.33
C MET A 166 7.45 -25.58 17.23
N PHE A 167 8.62 -25.69 16.61
CA PHE A 167 8.95 -24.92 15.43
C PHE A 167 7.99 -25.22 14.28
N ALA A 168 7.67 -26.49 14.09
CA ALA A 168 6.86 -26.89 12.95
C ALA A 168 5.47 -26.27 13.01
N PHE A 169 4.80 -26.43 14.15
CA PHE A 169 3.50 -25.82 14.35
C PHE A 169 3.59 -24.31 14.43
N PHE A 170 4.74 -23.79 14.83
CA PHE A 170 4.90 -22.34 14.79
C PHE A 170 4.91 -21.87 13.35
N ALA A 171 5.68 -22.55 12.51
CA ALA A 171 5.80 -22.18 11.11
C ALA A 171 4.44 -22.26 10.44
N GLN A 172 3.73 -23.34 10.71
CA GLN A 172 2.40 -23.54 10.15
C GLN A 172 1.45 -22.41 10.58
N HIS A 173 1.29 -22.27 11.89
CA HIS A 173 0.42 -21.26 12.48
C HIS A 173 0.72 -19.89 11.89
N PHE A 174 1.99 -19.49 11.99
CA PHE A 174 2.44 -18.17 11.57
C PHE A 174 2.21 -17.91 10.08
N THR A 175 2.60 -18.86 9.23
CA THR A 175 2.49 -18.65 7.78
C THR A 175 1.06 -18.76 7.27
N HIS A 176 0.18 -19.34 8.07
CA HIS A 176 -1.20 -19.46 7.61
C HIS A 176 -2.01 -18.19 7.85
N GLN A 177 -1.33 -17.13 8.28
CA GLN A 177 -1.99 -15.84 8.43
C GLN A 177 -1.91 -15.05 7.13
N PHE A 178 -1.00 -15.45 6.23
CA PHE A 178 -0.91 -14.79 4.93
C PHE A 178 -0.91 -15.76 3.76
N PHE A 179 -0.98 -17.06 4.07
CA PHE A 179 -1.27 -18.06 3.07
C PHE A 179 -2.69 -18.58 3.30
N LYS A 180 -3.65 -18.02 2.57
CA LYS A 180 -5.03 -18.48 2.63
C LYS A 180 -5.64 -18.45 1.24
N THR A 181 -5.29 -19.42 0.42
CA THR A 181 -5.79 -19.47 -0.95
C THR A 181 -7.32 -19.67 -0.98
N SER A 182 -7.98 -18.96 -1.89
CA SER A 182 -9.43 -18.97 -2.00
C SER A 182 -9.97 -20.19 -2.75
N GLY A 183 -10.66 -21.06 -2.02
CA GLY A 183 -11.21 -22.26 -2.61
C GLY A 183 -12.27 -21.96 -3.65
N LYS A 184 -12.89 -20.79 -3.52
CA LYS A 184 -13.97 -20.39 -4.42
C LYS A 184 -13.49 -19.62 -5.65
N MET A 185 -12.48 -18.78 -5.48
CA MET A 185 -11.97 -18.01 -6.60
C MET A 185 -10.97 -18.84 -7.38
N GLY A 186 -10.29 -19.75 -6.70
CA GLY A 186 -9.39 -20.68 -7.38
C GLY A 186 -7.92 -20.37 -7.15
N PRO A 187 -7.05 -21.03 -7.92
CA PRO A 187 -5.60 -20.88 -7.81
C PRO A 187 -5.15 -19.45 -8.13
N GLY A 188 -4.29 -18.91 -7.28
CA GLY A 188 -3.75 -17.57 -7.48
C GLY A 188 -4.52 -16.45 -6.79
N PHE A 189 -5.40 -16.82 -5.86
CA PHE A 189 -6.20 -15.84 -5.13
C PHE A 189 -6.12 -16.06 -3.62
N THR A 190 -6.21 -14.99 -2.84
CA THR A 190 -6.03 -15.08 -1.39
C THR A 190 -7.13 -14.37 -0.60
N LYS A 191 -7.42 -14.90 0.59
CA LYS A 191 -8.39 -14.30 1.49
C LYS A 191 -7.66 -13.39 2.48
N ALA A 192 -6.37 -13.66 2.68
CA ALA A 192 -5.55 -12.84 3.56
C ALA A 192 -5.10 -11.59 2.81
N LEU A 193 -6.00 -10.62 2.74
CA LEU A 193 -5.72 -9.37 2.04
C LEU A 193 -4.69 -8.55 2.81
N GLY A 194 -4.32 -9.03 4.00
CA GLY A 194 -3.27 -8.40 4.78
C GLY A 194 -1.90 -8.54 4.16
N HIS A 195 -1.65 -9.65 3.48
CA HIS A 195 -0.40 -9.86 2.76
C HIS A 195 0.83 -9.69 3.64
N GLY A 196 0.74 -10.11 4.90
CA GLY A 196 1.87 -9.96 5.79
C GLY A 196 1.55 -10.30 7.23
N VAL A 197 2.40 -9.86 8.15
CA VAL A 197 2.18 -10.10 9.57
C VAL A 197 1.15 -9.11 10.13
N ASP A 198 -0.13 -9.41 9.93
CA ASP A 198 -1.19 -8.57 10.47
C ASP A 198 -1.88 -9.27 11.64
N LEU A 199 -1.53 -10.54 11.84
CA LEU A 199 -2.11 -11.39 12.88
C LEU A 199 -3.61 -11.64 12.67
N GLY A 200 -4.02 -11.75 11.42
CA GLY A 200 -5.40 -12.09 11.10
C GLY A 200 -5.79 -13.50 11.48
N HIS A 201 -4.81 -14.36 11.69
CA HIS A 201 -5.05 -15.73 12.12
C HIS A 201 -5.45 -15.77 13.58
N ILE A 202 -5.51 -14.58 14.18
CA ILE A 202 -5.92 -14.41 15.55
C ILE A 202 -7.16 -13.56 15.58
N TYR A 203 -7.15 -12.49 14.80
CA TYR A 203 -8.22 -11.49 14.84
C TYR A 203 -9.23 -11.65 13.71
N GLY A 204 -8.90 -12.44 12.70
CA GLY A 204 -9.78 -12.59 11.56
C GLY A 204 -9.36 -11.73 10.40
N ASP A 205 -9.65 -12.20 9.19
CA ASP A 205 -9.27 -11.50 7.97
C ASP A 205 -10.33 -10.52 7.52
N ASN A 206 -11.43 -10.44 8.27
CA ASN A 206 -12.45 -9.44 8.02
C ASN A 206 -12.93 -8.83 9.33
N LEU A 207 -13.56 -7.66 9.25
CA LEU A 207 -13.98 -6.89 10.41
C LEU A 207 -15.12 -7.56 11.18
N GLU A 208 -16.07 -8.13 10.46
CA GLU A 208 -17.22 -8.79 11.06
C GLU A 208 -16.77 -9.89 12.01
N ARG A 209 -15.90 -10.76 11.50
CA ARG A 209 -15.31 -11.85 12.26
C ARG A 209 -14.58 -11.32 13.50
N GLN A 210 -13.82 -10.25 13.31
CA GLN A 210 -13.10 -9.62 14.40
C GLN A 210 -14.05 -9.21 15.52
N TYR A 211 -15.11 -8.51 15.14
CA TYR A 211 -16.10 -8.05 16.10
C TYR A 211 -16.76 -9.21 16.83
N GLN A 212 -17.01 -10.30 16.10
CA GLN A 212 -17.57 -11.48 16.72
C GLN A 212 -16.61 -12.14 17.70
N LEU A 213 -15.32 -11.90 17.50
CA LEU A 213 -14.28 -12.47 18.36
C LEU A 213 -13.99 -11.62 19.61
N ARG A 214 -14.34 -10.34 19.54
CA ARG A 214 -13.98 -9.40 20.59
C ARG A 214 -14.98 -9.35 21.72
N LEU A 215 -14.46 -9.24 22.94
CA LEU A 215 -15.30 -9.10 24.12
C LEU A 215 -15.96 -7.71 24.13
N PHE A 216 -15.31 -6.78 23.44
CA PHE A 216 -15.69 -5.37 23.48
C PHE A 216 -15.73 -4.82 24.90
N LYS A 217 -14.95 -5.45 25.78
CA LYS A 217 -14.71 -4.89 27.10
C LYS A 217 -13.22 -4.92 27.36
N ASP A 218 -12.64 -3.75 27.61
CA ASP A 218 -11.23 -3.63 27.94
C ASP A 218 -10.30 -4.14 26.83
N GLY A 219 -10.77 -4.15 25.58
CA GLY A 219 -9.92 -4.45 24.44
C GLY A 219 -9.66 -5.92 24.22
N LYS A 220 -10.24 -6.75 25.09
CA LYS A 220 -9.92 -8.17 25.09
C LYS A 220 -10.70 -8.94 24.04
N LEU A 221 -10.27 -10.18 23.82
CA LEU A 221 -11.02 -11.11 22.98
C LEU A 221 -11.83 -12.03 23.90
N LYS A 222 -12.91 -12.59 23.37
CA LYS A 222 -13.73 -13.51 24.14
C LYS A 222 -12.91 -14.75 24.52
N TYR A 223 -13.27 -15.39 25.63
CA TYR A 223 -12.61 -16.63 26.04
C TYR A 223 -13.51 -17.52 26.88
N GLN A 224 -13.06 -18.73 27.15
CA GLN A 224 -13.81 -19.64 28.02
C GLN A 224 -12.90 -20.28 29.04
N MET A 225 -13.48 -20.66 30.18
CA MET A 225 -12.72 -21.28 31.26
C MET A 225 -12.95 -22.78 31.32
N LEU A 226 -11.89 -23.54 31.13
CA LEU A 226 -11.94 -24.99 31.23
C LEU A 226 -10.83 -25.49 32.13
N ASN A 227 -11.22 -26.16 33.21
CA ASN A 227 -10.28 -26.71 34.20
C ASN A 227 -9.38 -25.64 34.79
N GLY A 228 -9.93 -24.45 35.01
CA GLY A 228 -9.19 -23.35 35.57
C GLY A 228 -8.24 -22.71 34.57
N GLU A 229 -8.40 -23.05 33.29
CA GLU A 229 -7.52 -22.52 32.25
C GLU A 229 -8.27 -21.74 31.16
N VAL A 230 -7.59 -20.75 30.58
CA VAL A 230 -8.17 -19.90 29.54
C VAL A 230 -8.04 -20.51 28.15
N TYR A 231 -9.15 -20.58 27.42
CA TYR A 231 -9.15 -21.10 26.05
C TYR A 231 -9.96 -20.21 25.11
N PRO A 232 -9.74 -20.35 23.79
CA PRO A 232 -10.59 -19.64 22.84
C PRO A 232 -12.06 -19.93 23.12
N PRO A 233 -12.94 -18.98 22.86
CA PRO A 233 -14.36 -19.19 23.12
C PRO A 233 -14.95 -20.26 22.21
N SER A 234 -16.12 -20.79 22.55
CA SER A 234 -16.81 -21.72 21.66
C SER A 234 -17.54 -20.95 20.58
N VAL A 235 -17.82 -21.61 19.45
CA VAL A 235 -18.57 -21.01 18.37
C VAL A 235 -19.93 -20.53 18.84
N GLU A 236 -20.47 -21.23 19.83
CA GLU A 236 -21.76 -20.88 20.40
C GLU A 236 -21.76 -19.48 21.02
N GLU A 237 -20.61 -19.07 21.55
CA GLU A 237 -20.45 -17.73 22.14
C GLU A 237 -19.85 -16.73 21.14
N ALA A 238 -18.96 -17.22 20.28
CA ALA A 238 -18.40 -16.39 19.20
C ALA A 238 -18.71 -17.03 17.86
N PRO A 239 -19.92 -16.81 17.36
CA PRO A 239 -20.42 -17.46 16.14
C PRO A 239 -19.68 -17.04 14.88
N VAL A 240 -18.58 -17.72 14.56
CA VAL A 240 -17.85 -17.44 13.32
C VAL A 240 -17.66 -18.70 12.48
N LEU A 241 -17.40 -18.53 11.19
CA LEU A 241 -17.16 -19.65 10.30
C LEU A 241 -15.86 -20.35 10.68
N MET A 242 -15.99 -21.58 11.19
CA MET A 242 -14.84 -22.45 11.41
C MET A 242 -15.02 -23.73 10.60
N HIS A 243 -13.94 -24.24 10.04
CA HIS A 243 -14.00 -25.46 9.25
C HIS A 243 -13.82 -26.70 10.12
N TYR A 244 -14.92 -27.15 10.70
CA TYR A 244 -14.92 -28.36 11.51
C TYR A 244 -15.66 -29.48 10.80
N PRO A 245 -15.33 -30.74 11.15
CA PRO A 245 -16.06 -31.89 10.62
C PRO A 245 -17.54 -31.84 10.95
N ARG A 246 -18.38 -32.05 9.95
CA ARG A 246 -19.83 -32.11 10.14
C ARG A 246 -20.20 -33.18 11.18
N GLY A 247 -20.86 -32.75 12.25
CA GLY A 247 -21.26 -33.66 13.30
C GLY A 247 -20.68 -33.32 14.65
N ILE A 248 -19.56 -32.62 14.65
CA ILE A 248 -18.95 -32.15 15.90
C ILE A 248 -19.82 -31.08 16.54
N PRO A 249 -20.13 -31.24 17.83
CA PRO A 249 -21.02 -30.31 18.55
C PRO A 249 -20.42 -28.93 18.67
N PRO A 250 -21.25 -27.89 18.49
CA PRO A 250 -20.86 -26.48 18.54
C PRO A 250 -20.16 -26.11 19.84
N GLN A 251 -20.53 -26.74 20.94
CA GLN A 251 -19.90 -26.42 22.21
C GLN A 251 -18.52 -27.06 22.27
N SER A 252 -18.18 -27.84 21.25
CA SER A 252 -16.85 -28.44 21.16
C SER A 252 -16.01 -27.78 20.07
N GLN A 253 -16.48 -26.63 19.58
CA GLN A 253 -15.77 -25.92 18.53
C GLN A 253 -15.28 -24.56 19.01
N MET A 254 -13.97 -24.38 19.03
CA MET A 254 -13.37 -23.12 19.47
C MET A 254 -13.25 -22.14 18.33
N ALA A 255 -13.62 -20.88 18.60
CA ALA A 255 -13.63 -19.84 17.58
C ALA A 255 -12.34 -19.03 17.59
N VAL A 256 -11.56 -19.13 16.51
CA VAL A 256 -10.33 -18.37 16.42
C VAL A 256 -10.26 -17.60 15.11
N GLY A 257 -9.24 -16.76 14.96
CA GLY A 257 -9.09 -15.93 13.79
C GLY A 257 -8.96 -16.69 12.49
N GLN A 258 -8.40 -17.90 12.55
CA GLN A 258 -8.23 -18.72 11.35
C GLN A 258 -9.14 -19.95 11.36
N GLU A 259 -9.91 -20.12 10.29
CA GLU A 259 -10.97 -21.11 10.20
C GLU A 259 -10.52 -22.56 10.30
N VAL A 260 -9.27 -22.82 9.94
CA VAL A 260 -8.85 -24.20 9.83
C VAL A 260 -8.05 -24.64 11.04
N PHE A 261 -7.92 -23.76 12.02
CA PHE A 261 -7.02 -24.04 13.13
C PHE A 261 -7.56 -25.08 14.09
N GLY A 262 -8.80 -25.48 13.91
CA GLY A 262 -9.40 -26.51 14.75
C GLY A 262 -9.05 -27.91 14.28
N LEU A 263 -8.37 -28.00 13.15
CA LEU A 263 -8.05 -29.30 12.58
C LEU A 263 -6.77 -29.88 13.19
N LEU A 264 -5.95 -29.03 13.81
CA LEU A 264 -4.74 -29.50 14.48
C LEU A 264 -4.60 -28.92 15.88
N PRO A 265 -4.28 -29.77 16.87
CA PRO A 265 -4.07 -29.35 18.26
C PRO A 265 -2.88 -28.40 18.42
N GLY A 266 -1.85 -28.51 17.57
CA GLY A 266 -0.74 -27.57 17.61
C GLY A 266 -1.17 -26.15 17.26
N LEU A 267 -1.97 -26.04 16.21
CA LEU A 267 -2.51 -24.77 15.76
C LEU A 267 -3.36 -24.12 16.85
N MET A 268 -4.28 -24.90 17.43
CA MET A 268 -5.13 -24.37 18.48
C MET A 268 -4.33 -24.05 19.74
N LEU A 269 -3.24 -24.78 19.94
CA LEU A 269 -2.28 -24.50 21.01
C LEU A 269 -1.77 -23.07 20.85
N TYR A 270 -1.15 -22.80 19.70
CA TYR A 270 -0.58 -21.49 19.46
C TYR A 270 -1.64 -20.39 19.50
N ALA A 271 -2.81 -20.69 18.97
CA ALA A 271 -3.94 -19.77 19.01
C ALA A 271 -4.28 -19.40 20.45
N THR A 272 -4.29 -20.41 21.32
CA THR A 272 -4.57 -20.20 22.73
C THR A 272 -3.52 -19.29 23.35
N ILE A 273 -2.26 -19.63 23.07
CA ILE A 273 -1.11 -18.87 23.55
C ILE A 273 -1.23 -17.38 23.24
N TRP A 274 -1.50 -17.10 21.96
CA TRP A 274 -1.58 -15.73 21.51
C TRP A 274 -2.78 -15.02 22.08
N LEU A 275 -3.87 -15.76 22.26
CA LEU A 275 -5.05 -15.17 22.85
C LEU A 275 -4.74 -14.67 24.26
N ARG A 276 -4.17 -15.57 25.07
CA ARG A 276 -3.82 -15.23 26.44
C ARG A 276 -2.87 -14.05 26.47
N GLU A 277 -1.93 -14.05 25.54
CA GLU A 277 -1.00 -12.93 25.44
C GLU A 277 -1.73 -11.62 25.13
N HIS A 278 -2.72 -11.65 24.23
CA HIS A 278 -3.49 -10.46 23.91
C HIS A 278 -4.20 -9.90 25.12
N ASN A 279 -4.93 -10.76 25.83
CA ASN A 279 -5.68 -10.26 26.97
C ASN A 279 -4.77 -9.76 28.11
N ARG A 280 -3.67 -10.46 28.34
CA ARG A 280 -2.67 -10.04 29.33
C ARG A 280 -2.11 -8.66 29.01
N VAL A 281 -1.70 -8.51 27.75
CA VAL A 281 -1.26 -7.22 27.25
C VAL A 281 -2.31 -6.14 27.51
N CYS A 282 -3.59 -6.46 27.26
CA CYS A 282 -4.66 -5.53 27.55
C CYS A 282 -4.66 -5.13 29.03
N ASP A 283 -4.43 -6.10 29.90
CA ASP A 283 -4.34 -5.78 31.34
C ASP A 283 -3.27 -4.75 31.60
N LEU A 284 -2.11 -4.93 30.97
CA LEU A 284 -1.03 -3.98 31.11
C LEU A 284 -1.42 -2.59 30.62
N LEU A 285 -1.93 -2.55 29.39
CA LEU A 285 -2.41 -1.34 28.74
C LEU A 285 -3.41 -0.54 29.59
N LYS A 286 -4.51 -1.19 29.98
CA LYS A 286 -5.52 -0.52 30.76
C LYS A 286 -4.94 -0.03 32.08
N ALA A 287 -4.06 -0.83 32.69
CA ALA A 287 -3.41 -0.38 33.92
C ALA A 287 -2.70 0.94 33.67
N GLU A 288 -2.06 1.05 32.52
CA GLU A 288 -1.33 2.28 32.19
C GLU A 288 -2.25 3.42 31.73
N HIS A 289 -3.38 3.07 31.12
CA HIS A 289 -4.28 4.09 30.57
C HIS A 289 -5.74 3.85 30.91
N PRO A 290 -6.13 4.16 32.15
CA PRO A 290 -7.50 3.91 32.64
C PRO A 290 -8.57 4.65 31.85
N THR A 291 -8.20 5.77 31.22
CA THR A 291 -9.16 6.59 30.49
C THR A 291 -9.41 6.08 29.08
N TRP A 292 -8.69 5.02 28.70
CA TRP A 292 -8.80 4.47 27.35
C TRP A 292 -10.05 3.63 27.14
N GLY A 293 -10.55 3.66 25.91
CA GLY A 293 -11.71 2.88 25.54
C GLY A 293 -11.29 1.50 25.07
N ASP A 294 -12.24 0.58 25.05
CA ASP A 294 -11.99 -0.79 24.64
C ASP A 294 -11.33 -0.89 23.27
N GLU A 295 -11.77 -0.05 22.35
CA GLU A 295 -11.25 -0.05 21.00
C GLU A 295 -9.76 0.26 20.99
N GLN A 296 -9.37 1.34 21.67
CA GLN A 296 -7.97 1.75 21.67
C GLN A 296 -7.09 0.69 22.32
N LEU A 297 -7.55 0.14 23.43
CA LEU A 297 -6.85 -0.95 24.10
C LEU A 297 -6.64 -2.11 23.14
N PHE A 298 -7.71 -2.51 22.47
CA PHE A 298 -7.65 -3.61 21.51
C PHE A 298 -6.62 -3.38 20.41
N GLN A 299 -6.74 -2.23 19.74
CA GLN A 299 -5.85 -1.93 18.61
C GLN A 299 -4.38 -1.87 19.03
N THR A 300 -4.12 -1.23 20.17
CA THR A 300 -2.76 -1.11 20.66
C THR A 300 -2.20 -2.50 21.01
N ALA A 301 -2.99 -3.29 21.71
CA ALA A 301 -2.57 -4.65 22.04
C ALA A 301 -2.24 -5.41 20.75
N ARG A 302 -3.07 -5.26 19.73
CA ARG A 302 -2.83 -5.93 18.45
C ARG A 302 -1.47 -5.57 17.88
N LEU A 303 -1.20 -4.27 17.82
CA LEU A 303 0.09 -3.78 17.30
C LEU A 303 1.29 -4.30 18.09
N ILE A 304 1.12 -4.37 19.41
CA ILE A 304 2.13 -4.95 20.29
C ILE A 304 2.42 -6.42 19.98
N LEU A 305 1.36 -7.20 19.76
CA LEU A 305 1.53 -8.61 19.43
C LEU A 305 2.13 -8.78 18.05
N ILE A 306 1.85 -7.84 17.16
CA ILE A 306 2.47 -7.89 15.85
C ILE A 306 3.98 -7.67 15.99
N GLY A 307 4.35 -6.68 16.79
CA GLY A 307 5.75 -6.41 17.07
C GLY A 307 6.46 -7.59 17.71
N GLU A 308 5.83 -8.18 18.72
CA GLU A 308 6.39 -9.36 19.38
C GLU A 308 6.54 -10.51 18.40
N THR A 309 5.58 -10.63 17.50
CA THR A 309 5.63 -11.65 16.46
C THR A 309 6.83 -11.50 15.55
N ILE A 310 7.02 -10.32 14.97
CA ILE A 310 8.15 -10.12 14.08
C ILE A 310 9.47 -10.27 14.85
N LYS A 311 9.48 -9.79 16.09
CA LYS A 311 10.64 -9.94 16.97
C LYS A 311 11.04 -11.42 17.11
N ILE A 312 10.10 -12.27 17.48
CA ILE A 312 10.39 -13.68 17.69
C ILE A 312 10.69 -14.41 16.40
N VAL A 313 9.99 -14.06 15.33
CA VAL A 313 10.22 -14.72 14.06
C VAL A 313 11.65 -14.43 13.60
N ILE A 314 12.06 -13.18 13.67
CA ILE A 314 13.39 -12.81 13.20
C ILE A 314 14.50 -13.34 14.11
N GLU A 315 14.37 -13.13 15.40
CA GLU A 315 15.49 -13.45 16.28
C GLU A 315 15.53 -14.89 16.80
N GLU A 316 14.47 -15.66 16.62
CA GLU A 316 14.49 -17.05 17.06
C GLU A 316 14.10 -18.03 15.96
N TYR A 317 13.00 -17.77 15.28
CA TYR A 317 12.52 -18.66 14.23
C TYR A 317 13.52 -18.73 13.09
N VAL A 318 13.79 -17.58 12.49
CA VAL A 318 14.69 -17.55 11.35
C VAL A 318 16.10 -17.93 11.77
N GLN A 319 16.43 -17.67 13.03
CA GLN A 319 17.75 -18.00 13.56
C GLN A 319 17.97 -19.51 13.57
N GLN A 320 17.04 -20.24 14.17
CA GLN A 320 17.07 -21.68 14.15
C GLN A 320 17.05 -22.21 12.73
N LEU A 321 16.24 -21.56 11.90
CA LEU A 321 16.10 -21.95 10.50
C LEU A 321 17.43 -21.91 9.76
N SER A 322 18.15 -20.83 9.94
CA SER A 322 19.35 -20.59 9.15
C SER A 322 20.58 -21.28 9.72
N GLY A 323 20.64 -21.41 11.05
CA GLY A 323 21.78 -22.02 11.70
C GLY A 323 23.03 -21.15 11.68
N TYR A 324 22.83 -19.86 11.42
CA TYR A 324 23.93 -18.92 11.34
C TYR A 324 24.58 -18.68 12.68
N PHE A 325 25.88 -18.44 12.70
CA PHE A 325 26.56 -18.01 13.92
C PHE A 325 26.34 -16.51 14.08
N LEU A 326 26.02 -15.84 12.98
CA LEU A 326 25.58 -14.46 13.04
C LEU A 326 24.27 -14.37 13.80
N GLN A 327 24.28 -13.72 14.95
CA GLN A 327 23.06 -13.52 15.73
C GLN A 327 22.17 -12.47 15.05
N LEU A 328 21.05 -12.91 14.50
CA LEU A 328 20.14 -12.01 13.80
C LEU A 328 19.44 -11.07 14.77
N LYS A 329 19.07 -9.90 14.28
CA LYS A 329 18.50 -8.87 15.14
C LYS A 329 17.35 -8.15 14.45
N PHE A 330 16.30 -7.91 15.22
CA PHE A 330 15.17 -7.14 14.76
C PHE A 330 15.36 -5.67 15.18
N ASP A 331 15.84 -4.86 14.26
CA ASP A 331 15.99 -3.43 14.52
C ASP A 331 15.62 -2.63 13.28
N PRO A 332 14.40 -2.10 13.26
CA PRO A 332 13.93 -1.26 12.16
C PRO A 332 14.86 -0.08 11.87
N GLU A 333 15.58 0.42 12.88
CA GLU A 333 16.41 1.62 12.70
C GLU A 333 17.56 1.38 11.76
N LEU A 334 17.87 0.11 11.52
CA LEU A 334 18.92 -0.25 10.59
C LEU A 334 18.56 0.17 9.18
N LEU A 335 17.27 0.30 8.91
CA LEU A 335 16.80 0.63 7.58
C LEU A 335 16.37 2.09 7.43
N PHE A 336 16.50 2.87 8.50
CA PHE A 336 16.06 4.27 8.47
C PHE A 336 16.93 5.10 7.55
N GLY A 337 18.13 4.62 7.27
CA GLY A 337 19.03 5.38 6.42
C GLY A 337 19.02 4.94 4.98
N ALA A 338 18.13 4.02 4.63
CA ALA A 338 18.13 3.42 3.30
C ALA A 338 16.81 3.60 2.58
N GLN A 339 16.77 3.14 1.33
CA GLN A 339 15.59 3.24 0.49
C GLN A 339 14.82 1.94 0.48
N PHE A 340 13.75 1.91 1.24
CA PHE A 340 13.01 0.69 1.49
C PHE A 340 11.52 0.97 1.42
N GLN A 341 10.76 0.10 0.78
CA GLN A 341 9.31 0.26 0.69
C GLN A 341 8.59 -0.56 1.75
N TYR A 342 7.92 0.10 2.68
CA TYR A 342 7.14 -0.58 3.71
C TYR A 342 5.78 -1.06 3.20
N ARG A 343 5.80 -2.04 2.29
CA ARG A 343 4.59 -2.67 1.82
C ARG A 343 4.95 -4.07 1.36
N ASN A 344 3.99 -4.99 1.37
CA ASN A 344 4.26 -6.36 0.98
C ASN A 344 3.09 -6.98 0.21
N ARG A 345 3.42 -7.79 -0.77
CA ARG A 345 2.43 -8.53 -1.54
C ARG A 345 2.85 -9.98 -1.62
N ILE A 346 2.07 -10.88 -1.03
CA ILE A 346 2.44 -12.29 -0.99
C ILE A 346 2.57 -12.91 -2.37
N ALA A 347 3.75 -13.43 -2.67
CA ALA A 347 4.01 -14.03 -3.97
C ALA A 347 3.63 -15.50 -3.96
N MET A 348 3.16 -15.99 -5.10
CA MET A 348 2.70 -17.37 -5.19
C MET A 348 3.88 -18.33 -5.05
N GLU A 349 5.04 -17.91 -5.53
CA GLU A 349 6.25 -18.68 -5.39
C GLU A 349 6.61 -18.85 -3.93
N PHE A 350 6.33 -17.81 -3.15
CA PHE A 350 6.59 -17.87 -1.72
C PHE A 350 5.67 -18.90 -1.07
N ASN A 351 4.43 -18.89 -1.51
CA ASN A 351 3.45 -19.88 -1.10
C ASN A 351 3.93 -21.31 -1.38
N GLN A 352 4.32 -21.58 -2.62
CA GLN A 352 4.82 -22.90 -3.01
C GLN A 352 6.04 -23.31 -2.19
N LEU A 353 6.97 -22.38 -2.09
CA LEU A 353 8.22 -22.61 -1.40
C LEU A 353 8.02 -23.05 0.05
N TYR A 354 7.01 -22.49 0.70
CA TYR A 354 6.84 -22.64 2.14
C TYR A 354 6.00 -23.85 2.51
N HIS A 355 5.98 -24.84 1.63
CA HIS A 355 5.29 -26.09 1.92
C HIS A 355 6.26 -27.07 2.60
N TRP A 356 6.36 -26.96 3.92
CA TRP A 356 7.37 -27.69 4.66
C TRP A 356 6.82 -28.91 5.38
N HIS A 357 5.96 -29.65 4.70
CA HIS A 357 5.36 -30.86 5.25
C HIS A 357 6.32 -31.99 5.66
N PRO A 358 7.55 -32.01 5.11
CA PRO A 358 8.50 -32.97 5.70
C PRO A 358 8.78 -32.77 7.19
N LEU A 359 8.44 -31.60 7.73
CA LEU A 359 8.65 -31.34 9.15
C LEU A 359 7.82 -32.30 10.01
N MET A 360 6.72 -32.79 9.45
CA MET A 360 5.79 -33.59 10.23
C MET A 360 6.30 -35.01 10.43
N PRO A 361 6.16 -35.54 11.66
CA PRO A 361 6.71 -36.83 12.05
C PRO A 361 5.86 -38.00 11.57
N ASP A 362 6.20 -39.20 12.03
CA ASP A 362 5.41 -40.39 11.74
C ASP A 362 4.26 -40.47 12.72
N SER A 363 4.53 -40.04 13.94
CA SER A 363 3.53 -39.98 14.99
C SER A 363 3.85 -38.83 15.92
N PHE A 364 2.94 -38.53 16.83
CA PHE A 364 3.11 -37.40 17.70
C PHE A 364 3.17 -37.87 19.14
N ARG A 365 4.37 -37.86 19.70
CA ARG A 365 4.56 -38.38 21.04
C ARG A 365 4.25 -37.34 22.10
N VAL A 366 3.35 -37.67 23.01
CA VAL A 366 3.06 -36.80 24.13
C VAL A 366 3.32 -37.56 25.42
N GLY A 367 4.48 -37.28 26.01
CA GLY A 367 4.93 -38.01 27.17
C GLY A 367 5.06 -39.48 26.83
N PRO A 368 4.49 -40.34 27.68
CA PRO A 368 4.53 -41.78 27.44
C PRO A 368 3.69 -42.14 26.23
N GLN A 369 2.72 -41.30 25.92
CA GLN A 369 1.82 -41.60 24.82
C GLN A 369 2.47 -41.32 23.48
N ASP A 370 1.93 -41.94 22.44
CA ASP A 370 2.35 -41.68 21.07
C ASP A 370 1.15 -41.80 20.13
N TYR A 371 0.58 -40.66 19.75
CA TYR A 371 -0.65 -40.64 18.97
C TYR A 371 -0.39 -40.73 17.48
N SER A 372 -1.35 -41.30 16.76
CA SER A 372 -1.27 -41.43 15.32
C SER A 372 -1.94 -40.25 14.67
N TYR A 373 -1.75 -40.14 13.36
CA TYR A 373 -2.39 -39.07 12.59
C TYR A 373 -3.90 -39.13 12.76
N GLU A 374 -4.42 -40.35 12.89
CA GLU A 374 -5.85 -40.57 13.02
C GLU A 374 -6.31 -40.26 14.45
N GLN A 375 -5.35 -40.11 15.36
CA GLN A 375 -5.66 -39.72 16.73
C GLN A 375 -5.41 -38.23 16.96
N PHE A 376 -4.50 -37.68 16.17
CA PHE A 376 -4.03 -36.31 16.37
C PHE A 376 -4.83 -35.33 15.52
N LEU A 377 -4.97 -35.64 14.24
CA LEU A 377 -5.75 -34.80 13.34
C LEU A 377 -7.18 -34.68 13.82
N PHE A 378 -7.71 -33.46 13.73
CA PHE A 378 -9.08 -33.15 14.09
C PHE A 378 -9.43 -33.58 15.51
N ASN A 379 -8.43 -33.81 16.35
CA ASN A 379 -8.70 -34.13 17.73
C ASN A 379 -9.10 -32.87 18.48
N THR A 380 -10.34 -32.84 18.95
CA THR A 380 -10.90 -31.63 19.53
C THR A 380 -10.86 -31.60 21.05
N SER A 381 -10.14 -32.55 21.65
CA SER A 381 -10.10 -32.61 23.11
C SER A 381 -8.68 -32.71 23.64
N MET A 382 -7.74 -33.05 22.76
CA MET A 382 -6.36 -33.27 23.16
C MET A 382 -5.78 -32.06 23.89
N LEU A 383 -5.92 -30.89 23.28
CA LEU A 383 -5.41 -29.65 23.86
C LEU A 383 -5.93 -29.42 25.29
N VAL A 384 -7.23 -29.60 25.48
CA VAL A 384 -7.84 -29.36 26.80
C VAL A 384 -7.45 -30.45 27.79
N ASP A 385 -7.32 -31.67 27.29
CA ASP A 385 -6.92 -32.78 28.13
C ASP A 385 -5.53 -32.58 28.73
N TYR A 386 -4.55 -32.28 27.87
CA TYR A 386 -3.17 -32.12 28.33
C TYR A 386 -2.88 -30.72 28.88
N GLY A 387 -3.46 -29.70 28.26
CA GLY A 387 -3.20 -28.33 28.66
C GLY A 387 -2.06 -27.75 27.84
N VAL A 388 -1.86 -26.45 27.96
CA VAL A 388 -0.85 -25.76 27.14
C VAL A 388 0.57 -26.24 27.44
N GLU A 389 0.95 -26.16 28.72
CA GLU A 389 2.29 -26.54 29.18
C GLU A 389 2.71 -27.91 28.65
N ALA A 390 1.81 -28.87 28.80
CA ALA A 390 2.08 -30.25 28.43
C ALA A 390 2.36 -30.38 26.94
N LEU A 391 1.53 -29.74 26.14
CA LEU A 391 1.69 -29.84 24.69
C LEU A 391 2.91 -29.09 24.20
N VAL A 392 3.14 -27.91 24.75
CA VAL A 392 4.32 -27.12 24.41
C VAL A 392 5.60 -27.90 24.72
N ASP A 393 5.63 -28.51 25.90
CA ASP A 393 6.78 -29.29 26.31
C ASP A 393 6.98 -30.46 25.35
N ALA A 394 5.87 -31.14 25.07
CA ALA A 394 5.89 -32.32 24.22
C ALA A 394 6.44 -31.99 22.83
N PHE A 395 5.88 -30.96 22.21
CA PHE A 395 6.28 -30.55 20.87
C PHE A 395 7.71 -30.02 20.85
N SER A 396 8.12 -29.42 21.96
CA SER A 396 9.46 -28.89 22.08
C SER A 396 10.47 -30.00 22.15
N ARG A 397 10.05 -31.16 22.66
CA ARG A 397 10.99 -32.28 22.80
C ARG A 397 11.10 -33.16 21.54
N GLN A 398 9.99 -33.39 20.85
CA GLN A 398 10.01 -34.27 19.68
C GLN A 398 10.63 -33.58 18.46
N PRO A 399 11.55 -34.29 17.77
CA PRO A 399 12.25 -33.78 16.59
C PRO A 399 11.38 -33.65 15.35
N ALA A 400 11.80 -32.77 14.45
CA ALA A 400 11.09 -32.58 13.19
C ALA A 400 11.92 -33.13 12.04
N GLY A 401 11.23 -33.45 10.95
CA GLY A 401 11.90 -34.00 9.78
C GLY A 401 12.72 -32.95 9.09
N ARG A 402 13.69 -33.40 8.31
CA ARG A 402 14.46 -32.49 7.49
C ARG A 402 13.64 -32.16 6.26
N ILE A 403 13.65 -30.89 5.85
CA ILE A 403 12.82 -30.42 4.75
C ILE A 403 13.38 -30.79 3.39
N GLY A 404 14.65 -30.44 3.14
CA GLY A 404 15.27 -30.74 1.87
C GLY A 404 15.77 -32.17 1.76
N GLY A 405 16.36 -32.51 0.61
CA GLY A 405 16.95 -33.82 0.42
C GLY A 405 16.11 -34.69 -0.49
N GLY A 406 14.89 -34.99 -0.06
CA GLY A 406 13.99 -35.82 -0.82
C GLY A 406 13.48 -36.98 0.01
N ARG A 407 12.35 -37.53 -0.39
CA ARG A 407 11.77 -38.70 0.25
C ARG A 407 11.62 -38.57 1.76
N ASN A 408 11.02 -37.47 2.21
CA ASN A 408 10.84 -37.29 3.64
C ASN A 408 9.47 -36.74 4.05
N ILE A 409 8.45 -36.98 3.22
CA ILE A 409 7.09 -36.60 3.59
C ILE A 409 6.25 -37.82 3.97
N ASP A 410 5.68 -37.79 5.17
CA ASP A 410 4.82 -38.86 5.64
C ASP A 410 3.65 -39.10 4.67
N HIS A 411 3.24 -40.35 4.53
CA HIS A 411 2.28 -40.74 3.50
C HIS A 411 0.88 -40.19 3.78
N HIS A 412 0.61 -39.84 5.03
CA HIS A 412 -0.68 -39.31 5.40
C HIS A 412 -0.99 -38.00 4.68
N ILE A 413 0.04 -37.19 4.45
CA ILE A 413 -0.16 -35.83 3.94
C ILE A 413 0.52 -35.59 2.58
N LEU A 414 1.06 -36.66 2.00
CA LEU A 414 1.78 -36.58 0.73
C LEU A 414 0.93 -35.96 -0.36
N HIS A 415 -0.38 -36.21 -0.29
CA HIS A 415 -1.31 -35.70 -1.29
C HIS A 415 -1.16 -34.18 -1.47
N VAL A 416 -0.89 -33.48 -0.37
CA VAL A 416 -0.71 -32.04 -0.43
C VAL A 416 0.31 -31.70 -1.52
N ALA A 417 1.49 -32.33 -1.44
CA ALA A 417 2.57 -32.11 -2.40
C ALA A 417 2.10 -32.32 -3.83
N VAL A 418 1.34 -33.39 -4.04
CA VAL A 418 0.78 -33.67 -5.35
C VAL A 418 0.00 -32.45 -5.83
N ASP A 419 -0.96 -32.03 -5.01
CA ASP A 419 -1.82 -30.89 -5.33
C ASP A 419 -1.00 -29.62 -5.56
N VAL A 420 0.17 -29.55 -4.95
CA VAL A 420 1.03 -28.38 -5.13
C VAL A 420 1.57 -28.38 -6.55
N ILE A 421 2.12 -29.52 -6.96
CA ILE A 421 2.73 -29.63 -8.28
C ILE A 421 1.70 -29.30 -9.34
N LYS A 422 0.55 -29.92 -9.20
CA LYS A 422 -0.58 -29.67 -10.08
C LYS A 422 -0.86 -28.18 -10.17
N GLU A 423 -0.89 -27.51 -9.01
CA GLU A 423 -1.22 -26.09 -8.99
C GLU A 423 -0.12 -25.27 -9.64
N SER A 424 1.11 -25.72 -9.46
CA SER A 424 2.25 -25.08 -10.09
C SER A 424 2.11 -25.15 -11.60
N ARG A 425 1.40 -26.16 -12.07
CA ARG A 425 1.16 -26.30 -13.49
C ARG A 425 -0.06 -25.47 -13.91
N VAL A 426 -0.99 -25.30 -12.97
CA VAL A 426 -2.12 -24.41 -13.19
C VAL A 426 -1.60 -22.98 -13.26
N LEU A 427 -0.68 -22.66 -12.36
CA LEU A 427 -0.11 -21.32 -12.27
C LEU A 427 0.88 -21.06 -13.39
N ARG A 428 1.22 -22.12 -14.11
CA ARG A 428 2.21 -22.06 -15.18
C ARG A 428 3.49 -21.41 -14.68
N LEU A 429 4.00 -21.91 -13.56
CA LEU A 429 5.26 -21.43 -13.02
C LEU A 429 6.40 -21.75 -13.99
N GLN A 430 7.39 -20.87 -14.06
CA GLN A 430 8.57 -21.09 -14.88
C GLN A 430 9.41 -22.23 -14.28
N PRO A 431 10.31 -22.81 -15.08
CA PRO A 431 11.09 -23.91 -14.52
C PRO A 431 12.06 -23.44 -13.44
N PHE A 432 12.54 -24.40 -12.65
CA PHE A 432 13.47 -24.15 -11.56
C PHE A 432 14.65 -23.26 -11.95
N ASN A 433 15.25 -23.50 -13.12
CA ASN A 433 16.47 -22.78 -13.51
C ASN A 433 16.27 -21.30 -13.76
N GLU A 434 15.10 -20.95 -14.30
CA GLU A 434 14.74 -19.57 -14.49
C GLU A 434 14.63 -18.83 -13.16
N TYR A 435 14.00 -19.46 -12.17
CA TYR A 435 13.91 -18.88 -10.85
C TYR A 435 15.26 -18.83 -10.14
N ARG A 436 16.10 -19.82 -10.41
CA ARG A 436 17.47 -19.79 -9.94
C ARG A 436 18.17 -18.52 -10.43
N LYS A 437 18.07 -18.29 -11.74
CA LYS A 437 18.71 -17.13 -12.32
C LYS A 437 18.09 -15.84 -11.79
N ARG A 438 16.78 -15.84 -11.61
CA ARG A 438 16.07 -14.67 -11.13
C ARG A 438 16.56 -14.28 -9.74
N PHE A 439 17.00 -15.27 -8.96
CA PHE A 439 17.50 -15.01 -7.61
C PHE A 439 19.02 -15.08 -7.49
N GLY A 440 19.72 -14.71 -8.56
CA GLY A 440 21.16 -14.56 -8.52
C GLY A 440 21.94 -15.84 -8.31
N MET A 441 21.49 -16.93 -8.92
CA MET A 441 22.21 -18.19 -8.89
C MET A 441 22.40 -18.72 -10.30
N LYS A 442 23.36 -19.62 -10.47
CA LYS A 442 23.61 -20.21 -11.76
C LYS A 442 22.73 -21.44 -11.93
N PRO A 443 22.18 -21.65 -13.13
CA PRO A 443 21.28 -22.78 -13.35
C PRO A 443 22.03 -24.09 -13.27
N TYR A 444 21.34 -25.16 -12.88
CA TYR A 444 21.95 -26.49 -12.81
C TYR A 444 22.12 -27.08 -14.20
N THR A 445 23.29 -27.65 -14.44
CA THR A 445 23.60 -28.21 -15.74
C THR A 445 23.21 -29.68 -15.86
N SER A 446 22.80 -30.28 -14.75
CA SER A 446 22.35 -31.67 -14.73
C SER A 446 21.58 -31.97 -13.46
N PHE A 447 20.81 -33.06 -13.48
CA PHE A 447 20.09 -33.52 -12.30
C PHE A 447 21.10 -34.12 -11.34
N GLN A 448 22.17 -34.62 -11.92
CA GLN A 448 23.32 -35.09 -11.17
C GLN A 448 23.75 -33.97 -10.22
N GLU A 449 24.17 -32.87 -10.82
CA GLU A 449 24.59 -31.69 -10.08
C GLU A 449 23.54 -31.22 -9.09
N LEU A 450 22.26 -31.34 -9.45
CA LEU A 450 21.19 -30.90 -8.57
C LEU A 450 21.12 -31.73 -7.29
N THR A 451 21.01 -33.05 -7.45
CA THR A 451 20.76 -33.95 -6.33
C THR A 451 22.04 -34.35 -5.61
N GLY A 452 23.15 -34.25 -6.32
CA GLY A 452 24.43 -34.63 -5.75
C GLY A 452 24.61 -36.14 -5.70
N GLU A 453 23.60 -36.86 -6.15
CA GLU A 453 23.68 -38.31 -6.22
C GLU A 453 23.49 -38.74 -7.67
N LYS A 454 23.16 -40.01 -7.90
CA LYS A 454 23.11 -40.53 -9.26
C LYS A 454 21.83 -41.30 -9.59
N GLU A 455 21.19 -41.86 -8.57
CA GLU A 455 19.97 -42.63 -8.79
C GLU A 455 18.79 -41.73 -9.17
N MET A 456 18.36 -40.90 -8.20
CA MET A 456 17.29 -39.93 -8.42
C MET A 456 17.61 -39.10 -9.64
N ALA A 457 18.86 -38.71 -9.78
CA ALA A 457 19.28 -37.87 -10.89
C ALA A 457 18.94 -38.52 -12.22
N ALA A 458 19.26 -39.81 -12.35
CA ALA A 458 19.08 -40.54 -13.60
C ALA A 458 17.61 -40.78 -13.92
N GLU A 459 16.85 -41.16 -12.90
CA GLU A 459 15.42 -41.35 -13.13
C GLU A 459 14.73 -40.04 -13.47
N LEU A 460 15.10 -38.98 -12.77
CA LEU A 460 14.56 -37.64 -13.01
C LEU A 460 14.90 -37.18 -14.40
N GLU A 461 16.11 -37.52 -14.82
CA GLU A 461 16.59 -37.19 -16.15
C GLU A 461 15.71 -37.89 -17.16
N GLU A 462 15.31 -39.12 -16.84
CA GLU A 462 14.47 -39.88 -17.76
C GLU A 462 13.04 -39.30 -17.81
N LEU A 463 12.50 -38.96 -16.65
CA LEU A 463 11.14 -38.42 -16.57
C LEU A 463 11.00 -37.05 -17.23
N TYR A 464 11.86 -36.11 -16.86
CA TYR A 464 11.74 -34.73 -17.32
C TYR A 464 12.35 -34.50 -18.70
N GLY A 465 13.43 -35.21 -19.00
CA GLY A 465 14.05 -35.14 -20.31
C GLY A 465 15.10 -34.04 -20.47
N ASP A 466 15.01 -33.03 -19.62
CA ASP A 466 15.95 -31.91 -19.64
C ASP A 466 15.92 -31.25 -18.26
N ILE A 467 17.06 -30.72 -17.82
CA ILE A 467 17.15 -30.09 -16.51
C ILE A 467 16.40 -28.75 -16.50
N ASP A 468 16.43 -28.04 -17.62
CA ASP A 468 15.75 -26.76 -17.75
C ASP A 468 14.23 -26.89 -17.75
N ALA A 469 13.74 -28.11 -17.54
CA ALA A 469 12.30 -28.34 -17.49
C ALA A 469 11.87 -28.81 -16.10
N LEU A 470 12.84 -28.87 -15.19
CA LEU A 470 12.53 -29.23 -13.81
C LEU A 470 11.66 -28.16 -13.15
N GLU A 471 10.56 -28.59 -12.54
CA GLU A 471 9.60 -27.67 -11.94
C GLU A 471 10.13 -27.07 -10.62
N PHE A 472 9.51 -25.97 -10.21
CA PHE A 472 9.91 -25.17 -9.05
C PHE A 472 9.97 -25.97 -7.73
N TYR A 473 8.81 -26.39 -7.23
CA TYR A 473 8.73 -27.14 -5.98
C TYR A 473 9.52 -28.46 -5.98
N PRO A 474 9.46 -29.24 -7.07
CA PRO A 474 10.31 -30.44 -7.12
C PRO A 474 11.79 -30.13 -6.99
N GLY A 475 12.27 -29.15 -7.75
CA GLY A 475 13.64 -28.73 -7.69
C GLY A 475 14.02 -28.30 -6.29
N LEU A 476 13.11 -27.58 -5.62
CA LEU A 476 13.39 -27.11 -4.28
C LEU A 476 13.53 -28.28 -3.32
N LEU A 477 12.65 -29.28 -3.44
CA LEU A 477 12.62 -30.35 -2.44
C LEU A 477 13.60 -31.47 -2.71
N LEU A 478 14.14 -31.51 -3.91
CA LEU A 478 15.05 -32.59 -4.30
C LEU A 478 16.49 -32.12 -4.33
N GLU A 479 16.69 -30.80 -4.32
CA GLU A 479 18.02 -30.23 -4.33
C GLU A 479 18.81 -30.66 -3.11
N LYS A 480 20.07 -31.04 -3.32
CA LYS A 480 20.96 -31.46 -2.25
C LYS A 480 21.09 -30.41 -1.15
N CYS A 481 20.98 -30.82 0.10
CA CYS A 481 21.10 -29.90 1.22
C CYS A 481 22.52 -29.39 1.40
N HIS A 482 22.65 -28.28 2.10
CA HIS A 482 23.94 -27.84 2.59
C HIS A 482 24.37 -28.82 3.66
N PRO A 483 25.69 -28.93 3.90
CA PRO A 483 26.21 -29.84 4.92
C PRO A 483 25.47 -29.77 6.24
N ASN A 484 24.73 -30.83 6.56
CA ASN A 484 24.00 -30.95 7.82
C ASN A 484 22.88 -29.91 7.97
N SER A 485 22.38 -29.38 6.87
CA SER A 485 21.35 -28.37 6.94
C SER A 485 19.96 -28.97 6.77
N ILE A 486 18.94 -28.13 6.92
CA ILE A 486 17.57 -28.61 6.87
C ILE A 486 17.04 -28.53 5.44
N PHE A 487 17.69 -27.72 4.62
CA PHE A 487 17.41 -27.73 3.19
C PHE A 487 18.56 -27.12 2.39
N GLY A 488 18.37 -27.03 1.08
CA GLY A 488 19.43 -26.64 0.18
C GLY A 488 19.51 -25.15 -0.04
N GLU A 489 20.36 -24.74 -0.97
CA GLU A 489 20.65 -23.32 -1.13
C GLU A 489 19.50 -22.55 -1.78
N SER A 490 18.69 -23.24 -2.58
CA SER A 490 17.59 -22.57 -3.24
C SER A 490 16.53 -22.15 -2.25
N MET A 491 16.19 -23.05 -1.33
CA MET A 491 15.20 -22.78 -0.29
C MET A 491 15.60 -21.55 0.55
N ILE A 492 16.89 -21.37 0.76
CA ILE A 492 17.38 -20.17 1.43
C ILE A 492 17.41 -18.91 0.57
N GLU A 493 17.98 -19.00 -0.62
CA GLU A 493 18.17 -17.83 -1.46
C GLU A 493 16.88 -17.23 -2.04
N MET A 494 15.84 -18.06 -2.18
CA MET A 494 14.54 -17.54 -2.61
C MET A 494 13.63 -17.31 -1.40
N GLY A 495 13.79 -18.13 -0.35
CA GLY A 495 12.97 -17.99 0.84
C GLY A 495 13.27 -16.75 1.65
N ALA A 496 14.55 -16.46 1.81
CA ALA A 496 15.01 -15.32 2.59
C ALA A 496 14.42 -13.98 2.13
N PRO A 497 14.53 -13.64 0.83
CA PRO A 497 14.05 -12.32 0.44
C PRO A 497 12.57 -12.08 0.74
N PHE A 498 11.76 -13.08 0.43
CA PHE A 498 10.33 -13.02 0.68
C PHE A 498 10.03 -12.80 2.14
N SER A 499 10.64 -13.64 2.97
CA SER A 499 10.45 -13.63 4.41
C SER A 499 10.82 -12.26 4.98
N LEU A 500 12.01 -11.83 4.60
CA LEU A 500 12.56 -10.53 4.95
C LEU A 500 11.56 -9.43 4.68
N LYS A 501 11.13 -9.36 3.42
CA LYS A 501 10.21 -8.33 2.97
C LYS A 501 8.92 -8.39 3.77
N GLY A 502 8.48 -9.61 4.09
CA GLY A 502 7.25 -9.80 4.83
C GLY A 502 7.37 -9.22 6.22
N LEU A 503 8.51 -9.43 6.85
CA LEU A 503 8.70 -8.99 8.23
C LEU A 503 8.90 -7.48 8.31
N LEU A 504 9.90 -6.99 7.59
CA LEU A 504 10.32 -5.61 7.71
C LEU A 504 9.46 -4.65 6.89
N GLY A 505 8.73 -5.19 5.93
CA GLY A 505 7.86 -4.37 5.11
C GLY A 505 6.60 -3.97 5.87
N ASN A 506 6.41 -4.54 7.05
CA ASN A 506 5.29 -4.18 7.89
C ASN A 506 5.36 -2.72 8.26
N PRO A 507 4.23 -2.02 8.17
CA PRO A 507 4.20 -0.58 8.43
C PRO A 507 4.59 -0.20 9.85
N ILE A 508 4.57 -1.15 10.77
CA ILE A 508 5.00 -0.83 12.12
C ILE A 508 6.52 -0.65 12.14
N CYS A 509 7.18 -1.15 11.11
CA CYS A 509 8.63 -1.01 11.03
C CYS A 509 8.98 0.35 10.47
N SER A 510 7.99 1.10 10.03
CA SER A 510 8.23 2.39 9.41
C SER A 510 8.69 3.43 10.43
N PRO A 511 9.45 4.43 9.97
CA PRO A 511 9.83 5.54 10.85
C PRO A 511 8.60 6.29 11.34
N GLU A 512 7.50 6.14 10.60
CA GLU A 512 6.26 6.78 11.02
C GLU A 512 5.64 6.08 12.21
N TYR A 513 5.76 4.75 12.25
CA TYR A 513 5.09 3.97 13.27
C TYR A 513 6.00 3.57 14.45
N TRP A 514 7.28 3.33 14.17
CA TRP A 514 8.21 2.80 15.16
C TRP A 514 8.53 3.79 16.30
N LYS A 515 7.50 4.12 17.07
CA LYS A 515 7.57 5.07 18.18
C LYS A 515 6.96 4.43 19.40
N ALA A 516 7.38 4.85 20.59
CA ALA A 516 6.81 4.27 21.79
C ALA A 516 5.30 4.53 21.87
N SER A 517 4.86 5.68 21.39
CA SER A 517 3.44 6.06 21.48
C SER A 517 2.53 5.12 20.71
N THR A 518 3.06 4.54 19.65
CA THR A 518 2.31 3.57 18.88
C THR A 518 1.90 2.37 19.73
N PHE A 519 2.74 2.02 20.71
CA PHE A 519 2.50 0.83 21.52
C PHE A 519 2.05 1.19 22.94
N GLY A 520 1.52 2.40 23.10
CA GLY A 520 1.01 2.85 24.38
C GLY A 520 2.09 3.20 25.40
N GLY A 521 3.24 3.62 24.93
CA GLY A 521 4.28 4.07 25.83
C GLY A 521 5.46 3.14 25.90
N GLU A 522 6.31 3.38 26.89
CA GLU A 522 7.56 2.65 27.00
C GLU A 522 7.32 1.17 27.28
N VAL A 523 6.26 0.88 28.02
CA VAL A 523 5.95 -0.47 28.42
C VAL A 523 5.64 -1.37 27.23
N GLY A 524 4.74 -0.93 26.36
CA GLY A 524 4.37 -1.69 25.19
C GLY A 524 5.55 -1.85 24.26
N PHE A 525 6.26 -0.75 24.05
CA PHE A 525 7.44 -0.75 23.21
C PHE A 525 8.45 -1.80 23.70
N ASN A 526 8.64 -1.84 25.02
CA ASN A 526 9.56 -2.77 25.63
C ASN A 526 9.08 -4.20 25.50
N LEU A 527 7.77 -4.41 25.54
CA LEU A 527 7.19 -5.73 25.29
C LEU A 527 7.60 -6.23 23.92
N VAL A 528 7.48 -5.35 22.93
CA VAL A 528 7.90 -5.69 21.59
C VAL A 528 9.39 -5.99 21.53
N LYS A 529 10.19 -5.11 22.13
CA LYS A 529 11.65 -5.20 22.02
C LYS A 529 12.26 -6.39 22.76
N THR A 530 11.63 -6.83 23.84
CA THR A 530 12.18 -7.92 24.62
C THR A 530 11.39 -9.22 24.46
N ALA A 531 10.52 -9.28 23.46
CA ALA A 531 9.66 -10.44 23.27
C ALA A 531 10.48 -11.69 23.09
N THR A 532 9.97 -12.81 23.60
CA THR A 532 10.69 -14.07 23.58
C THR A 532 9.71 -15.22 23.62
N LEU A 533 9.96 -16.25 22.81
CA LEU A 533 9.10 -17.44 22.77
C LEU A 533 8.90 -18.04 24.15
N LYS A 534 10.01 -18.24 24.86
CA LYS A 534 9.98 -18.70 26.25
C LYS A 534 9.05 -17.83 27.07
N LYS A 535 9.19 -16.52 26.93
CA LYS A 535 8.37 -15.57 27.67
C LYS A 535 6.92 -15.61 27.21
N LEU A 536 6.74 -15.69 25.90
CA LEU A 536 5.41 -15.77 25.28
C LEU A 536 4.59 -16.89 25.88
N VAL A 537 5.22 -18.04 26.07
CA VAL A 537 4.55 -19.21 26.62
C VAL A 537 4.43 -19.14 28.15
N CYS A 538 5.54 -18.93 28.83
CA CYS A 538 5.57 -19.09 30.29
C CYS A 538 4.86 -17.98 31.05
N LEU A 539 4.76 -16.80 30.45
CA LEU A 539 4.08 -15.71 31.13
C LEU A 539 2.57 -15.91 31.15
N ASN A 540 2.08 -16.77 30.27
CA ASN A 540 0.64 -16.99 30.19
C ASN A 540 0.22 -18.33 30.78
N THR A 541 1.19 -19.14 31.17
CA THR A 541 0.92 -20.44 31.76
C THR A 541 1.00 -20.40 33.29
N LYS A 542 0.75 -21.54 33.90
CA LYS A 542 0.88 -21.69 35.35
C LYS A 542 2.28 -22.17 35.70
N THR A 543 2.72 -23.20 35.00
CA THR A 543 4.07 -23.70 35.16
C THR A 543 4.88 -23.46 33.90
N CYS A 544 6.20 -23.52 34.01
CA CYS A 544 7.05 -23.23 32.88
C CYS A 544 7.67 -24.52 32.32
N PRO A 545 7.21 -24.92 31.13
CA PRO A 545 7.71 -26.13 30.47
C PRO A 545 9.01 -25.89 29.72
N TYR A 546 9.50 -26.90 29.03
CA TYR A 546 10.57 -26.71 28.07
C TYR A 546 9.96 -26.12 26.82
N VAL A 547 10.40 -24.93 26.46
CA VAL A 547 9.93 -24.27 25.26
C VAL A 547 11.11 -23.78 24.41
N SER A 548 11.22 -24.32 23.20
CA SER A 548 12.31 -23.94 22.31
C SER A 548 11.99 -24.38 20.89
N PHE A 549 12.79 -23.90 19.94
CA PHE A 549 12.64 -24.29 18.55
C PHE A 549 13.62 -25.42 18.20
N HIS A 550 14.39 -25.87 19.17
CA HIS A 550 15.26 -27.01 18.96
C HIS A 550 15.15 -28.01 20.11
N VAL A 551 15.44 -29.28 19.79
CA VAL A 551 15.44 -30.33 20.80
C VAL A 551 16.56 -30.10 21.80
N PRO A 552 16.36 -30.56 23.05
CA PRO A 552 17.40 -30.44 24.06
C PRO A 552 18.61 -31.33 23.76
N ASP A 553 19.71 -31.10 24.47
CA ASP A 553 20.88 -31.93 24.30
C ASP A 553 20.66 -33.34 24.81
N PRO B 1 -12.21 15.96 35.57
CA PRO B 1 -10.85 16.25 35.11
C PRO B 1 -10.81 16.55 33.62
N VAL B 2 -10.20 17.67 33.25
CA VAL B 2 -10.09 18.05 31.84
C VAL B 2 -9.03 17.21 31.13
N ASN B 3 -9.35 16.78 29.92
CA ASN B 3 -8.39 16.12 29.05
C ASN B 3 -7.27 17.09 28.70
N PRO B 4 -6.04 16.81 29.19
CA PRO B 4 -4.87 17.67 28.95
C PRO B 4 -4.53 17.84 27.47
N CYS B 5 -4.83 16.82 26.69
CA CYS B 5 -4.52 16.87 25.26
C CYS B 5 -5.38 17.89 24.55
N CYS B 6 -6.41 18.38 25.23
CA CYS B 6 -7.27 19.43 24.69
C CYS B 6 -6.50 20.74 24.58
N TYR B 7 -5.40 20.84 25.31
CA TYR B 7 -4.57 22.03 25.25
C TYR B 7 -3.57 21.97 24.11
N TYR B 8 -3.54 20.83 23.41
CA TYR B 8 -2.55 20.55 22.36
C TYR B 8 -1.14 20.89 22.82
N PRO B 9 -0.71 20.30 23.94
CA PRO B 9 0.56 20.72 24.53
C PRO B 9 1.76 20.34 23.68
N CYS B 10 1.73 19.15 23.10
CA CYS B 10 2.88 18.65 22.36
C CYS B 10 3.07 19.40 21.05
N GLN B 11 4.24 20.00 20.90
CA GLN B 11 4.57 20.82 19.74
C GLN B 11 5.38 20.03 18.73
N HIS B 12 5.55 20.62 17.55
CA HIS B 12 6.45 20.10 16.52
C HIS B 12 6.21 18.66 16.18
N GLN B 13 4.93 18.29 16.06
CA GLN B 13 4.48 16.96 15.67
C GLN B 13 4.75 15.90 16.74
N GLY B 14 4.81 16.32 17.99
CA GLY B 14 4.93 15.40 19.10
C GLY B 14 3.58 14.77 19.41
N ILE B 15 3.57 13.49 19.75
CA ILE B 15 2.31 12.80 19.92
C ILE B 15 1.82 12.81 21.35
N CYS B 16 0.71 13.49 21.59
CA CYS B 16 0.16 13.57 22.93
C CYS B 16 -0.52 12.25 23.29
N VAL B 17 -0.19 11.72 24.47
CA VAL B 17 -0.73 10.46 24.94
C VAL B 17 -1.23 10.61 26.37
N ARG B 18 -2.40 10.03 26.63
CA ARG B 18 -3.06 10.12 27.93
C ARG B 18 -2.50 9.06 28.87
N PHE B 19 -2.01 9.49 30.04
CA PHE B 19 -1.53 8.55 31.04
C PHE B 19 -2.26 8.77 32.35
N GLY B 20 -2.69 7.67 32.96
CA GLY B 20 -3.43 7.75 34.20
C GLY B 20 -4.74 8.49 34.01
N LEU B 21 -5.23 9.08 35.09
CA LEU B 21 -6.51 9.80 35.08
C LEU B 21 -6.38 11.19 34.46
N ASP B 22 -5.34 11.92 34.83
CA ASP B 22 -5.21 13.32 34.43
C ASP B 22 -3.84 13.71 33.91
N ARG B 23 -3.03 12.74 33.52
CA ARG B 23 -1.69 13.08 33.08
C ARG B 23 -1.53 12.88 31.58
N TYR B 24 -0.46 13.43 31.04
CA TYR B 24 -0.14 13.21 29.64
C TYR B 24 1.36 13.10 29.46
N GLN B 25 1.76 12.49 28.34
CA GLN B 25 3.16 12.44 27.97
C GLN B 25 3.24 12.70 26.47
N CYS B 26 4.34 13.30 26.03
CA CYS B 26 4.52 13.60 24.61
C CYS B 26 5.56 12.68 23.99
N ASP B 27 5.20 12.01 22.90
CA ASP B 27 6.19 11.23 22.16
C ASP B 27 6.92 12.16 21.21
N CYS B 28 8.18 12.42 21.51
CA CYS B 28 8.99 13.40 20.78
C CYS B 28 9.96 12.73 19.81
N THR B 29 9.70 11.46 19.53
CA THR B 29 10.55 10.67 18.66
C THR B 29 10.66 11.27 17.26
N ARG B 30 11.91 11.48 16.83
CA ARG B 30 12.23 11.99 15.49
C ARG B 30 11.53 13.29 15.14
N THR B 31 11.31 14.15 16.14
CA THR B 31 10.69 15.45 15.89
C THR B 31 11.75 16.53 15.66
N GLY B 32 12.95 16.28 16.14
CA GLY B 32 14.02 17.27 16.10
C GLY B 32 14.06 18.02 17.42
N TYR B 33 13.16 17.65 18.32
CA TYR B 33 13.05 18.31 19.62
C TYR B 33 13.10 17.33 20.77
N SER B 34 13.22 17.87 21.97
CA SER B 34 13.11 17.11 23.21
C SER B 34 12.40 17.97 24.24
N GLY B 35 12.25 17.44 25.45
CA GLY B 35 11.60 18.20 26.50
C GLY B 35 10.20 17.71 26.75
N PRO B 36 9.53 18.28 27.76
CA PRO B 36 8.17 17.89 28.15
C PRO B 36 7.17 18.00 27.00
N ASN B 37 7.30 19.05 26.20
CA ASN B 37 6.34 19.32 25.14
C ASN B 37 6.98 19.36 23.76
N CYS B 38 8.17 18.79 23.62
CA CYS B 38 8.94 18.84 22.38
C CYS B 38 9.27 20.26 21.98
N THR B 39 9.77 21.02 22.95
CA THR B 39 10.07 22.43 22.76
C THR B 39 11.55 22.72 22.74
N ILE B 40 12.34 21.78 23.23
CA ILE B 40 13.80 21.95 23.26
C ILE B 40 14.43 21.31 22.04
N PRO B 41 14.98 22.14 21.14
CA PRO B 41 15.50 21.75 19.82
C PRO B 41 16.90 21.18 19.83
N GLU B 42 17.25 20.42 18.79
CA GLU B 42 18.60 19.89 18.61
C GLU B 42 19.47 20.87 17.84
N ILE B 43 20.73 20.51 17.65
CA ILE B 43 21.66 21.31 16.87
C ILE B 43 21.10 21.67 15.51
N TRP B 44 21.00 20.65 14.66
CA TRP B 44 20.64 20.86 13.28
C TRP B 44 19.24 21.41 13.12
N THR B 45 18.37 21.09 14.06
CA THR B 45 17.01 21.62 14.03
C THR B 45 17.06 23.13 14.26
N TRP B 46 17.83 23.54 15.26
CA TRP B 46 17.97 24.96 15.57
C TRP B 46 18.58 25.70 14.39
N LEU B 47 19.65 25.14 13.83
CA LEU B 47 20.26 25.72 12.65
C LEU B 47 19.26 25.89 11.53
N ARG B 48 18.54 24.81 11.23
CA ARG B 48 17.59 24.77 10.15
C ARG B 48 16.51 25.83 10.32
N THR B 49 15.89 25.86 11.49
CA THR B 49 14.77 26.76 11.73
C THR B 49 15.20 28.23 11.80
N THR B 50 16.38 28.47 12.34
CA THR B 50 16.87 29.84 12.45
C THR B 50 17.40 30.37 11.12
N LEU B 51 17.65 29.46 10.18
CA LEU B 51 18.11 29.86 8.86
C LEU B 51 16.99 29.74 7.82
N ARG B 52 15.78 29.46 8.29
CA ARG B 52 14.63 29.25 7.41
C ARG B 52 13.96 30.57 7.05
N PRO B 53 14.01 30.95 5.76
CA PRO B 53 13.24 32.12 5.33
C PRO B 53 11.76 31.83 5.38
N SER B 54 10.95 32.85 5.61
CA SER B 54 9.50 32.68 5.63
C SER B 54 9.00 32.22 4.26
N PRO B 55 7.88 31.49 4.25
CA PRO B 55 7.19 31.08 3.02
C PRO B 55 6.84 32.27 2.12
N SER B 56 6.57 33.43 2.73
CA SER B 56 6.30 34.63 1.97
C SER B 56 7.51 35.07 1.15
N PHE B 57 8.69 34.97 1.77
CA PHE B 57 9.94 35.33 1.12
C PHE B 57 10.24 34.38 -0.03
N ILE B 58 10.04 33.09 0.24
CA ILE B 58 10.24 32.04 -0.75
C ILE B 58 9.34 32.26 -1.95
N HIS B 59 8.07 32.54 -1.65
CA HIS B 59 7.09 32.84 -2.67
C HIS B 59 7.54 34.05 -3.48
N PHE B 60 8.03 35.07 -2.78
CA PHE B 60 8.55 36.25 -3.44
C PHE B 60 9.65 35.87 -4.42
N LEU B 61 10.52 34.98 -3.97
CA LEU B 61 11.65 34.54 -4.76
C LEU B 61 11.18 33.84 -6.02
N LEU B 62 10.21 32.94 -5.85
CA LEU B 62 9.75 32.10 -6.95
C LEU B 62 8.91 32.89 -7.94
N THR B 63 8.49 34.07 -7.54
CA THR B 63 7.57 34.86 -8.36
C THR B 63 8.16 36.18 -8.84
N HIS B 64 9.47 36.37 -8.64
CA HIS B 64 10.14 37.58 -9.08
C HIS B 64 11.48 37.28 -9.71
N GLY B 65 12.01 38.27 -10.44
CA GLY B 65 13.31 38.14 -11.09
C GLY B 65 13.28 37.10 -12.19
N ARG B 66 12.55 37.40 -13.26
CA ARG B 66 12.40 36.46 -14.37
C ARG B 66 13.76 36.14 -15.01
N TRP B 67 14.71 37.08 -14.89
CA TRP B 67 16.07 36.88 -15.38
C TRP B 67 16.72 35.69 -14.71
N LEU B 68 16.84 35.81 -13.38
CA LEU B 68 17.42 34.77 -12.56
C LEU B 68 16.84 33.40 -12.88
N TRP B 69 15.52 33.34 -13.03
CA TRP B 69 14.81 32.08 -13.23
C TRP B 69 14.95 31.54 -14.65
N ASP B 70 15.02 32.42 -15.63
CA ASP B 70 15.24 31.95 -16.99
C ASP B 70 16.65 31.40 -17.09
N PHE B 71 17.53 31.89 -16.23
CA PHE B 71 18.86 31.28 -16.14
C PHE B 71 18.79 29.92 -15.47
N VAL B 72 18.36 29.93 -14.21
CA VAL B 72 18.23 28.71 -13.41
C VAL B 72 17.56 27.56 -14.16
N ASN B 73 16.48 27.88 -14.86
CA ASN B 73 15.70 26.86 -15.57
C ASN B 73 16.49 26.16 -16.65
N ALA B 74 17.47 26.84 -17.20
CA ALA B 74 18.26 26.28 -18.30
C ALA B 74 19.48 25.52 -17.77
N THR B 75 19.62 25.46 -16.45
CA THR B 75 20.73 24.76 -15.82
C THR B 75 20.24 23.61 -14.97
N PHE B 76 21.19 22.85 -14.44
CA PHE B 76 20.87 21.71 -13.60
C PHE B 76 20.16 22.13 -12.32
N ILE B 77 20.31 23.40 -11.97
CA ILE B 77 19.73 23.94 -10.75
C ILE B 77 18.24 23.67 -10.70
N ARG B 78 17.60 23.80 -11.86
CA ARG B 78 16.20 23.45 -12.02
C ARG B 78 15.87 22.14 -11.32
N ASP B 79 16.60 21.09 -11.69
CA ASP B 79 16.43 19.79 -11.08
C ASP B 79 16.71 19.88 -9.59
N THR B 80 17.86 20.45 -9.24
CA THR B 80 18.29 20.59 -7.86
C THR B 80 17.17 21.11 -6.97
N LEU B 81 16.76 22.35 -7.21
CA LEU B 81 15.64 22.95 -6.50
C LEU B 81 14.42 22.06 -6.55
N MET B 82 14.09 21.58 -7.75
CA MET B 82 12.93 20.72 -7.92
C MET B 82 13.03 19.59 -6.92
N ARG B 83 14.18 18.92 -6.92
CA ARG B 83 14.39 17.79 -6.03
C ARG B 83 14.23 18.24 -4.59
N LEU B 84 14.84 19.37 -4.28
CA LEU B 84 14.74 19.97 -2.95
C LEU B 84 13.27 20.15 -2.65
N VAL B 85 12.60 20.82 -3.58
CA VAL B 85 11.19 21.09 -3.46
C VAL B 85 10.44 19.80 -3.17
N LEU B 86 10.83 18.74 -3.88
CA LEU B 86 10.19 17.45 -3.76
C LEU B 86 10.40 16.84 -2.39
N THR B 87 11.62 16.94 -1.89
CA THR B 87 11.97 16.21 -0.69
C THR B 87 11.43 16.93 0.53
N VAL B 88 11.39 18.26 0.46
CA VAL B 88 11.00 19.06 1.61
C VAL B 88 9.48 18.99 1.83
N ARG B 89 8.71 19.05 0.74
CA ARG B 89 7.26 19.10 0.87
C ARG B 89 6.65 17.76 1.32
N SER B 90 6.91 16.71 0.56
CA SER B 90 6.38 15.37 0.83
C SER B 90 6.57 14.92 2.28
N ASN B 91 7.70 15.28 2.87
CA ASN B 91 8.01 14.88 4.24
C ASN B 91 6.99 15.34 5.27
N LEU B 92 6.26 16.41 4.97
CA LEU B 92 5.23 16.90 5.88
C LEU B 92 4.13 15.87 6.09
N ILE B 93 3.99 14.96 5.13
CA ILE B 93 2.87 14.02 5.11
C ILE B 93 3.27 12.64 5.59
N PRO B 94 2.63 12.17 6.66
CA PRO B 94 2.96 10.87 7.25
C PRO B 94 2.67 9.73 6.29
N SER B 95 3.66 8.87 6.06
CA SER B 95 3.53 7.73 5.16
C SER B 95 4.37 6.56 5.68
N PRO B 96 3.73 5.45 6.07
CA PRO B 96 2.30 5.11 6.01
C PRO B 96 1.41 6.02 6.87
N PRO B 97 0.13 6.16 6.46
CA PRO B 97 -0.85 7.06 7.10
C PRO B 97 -1.09 6.74 8.58
N THR B 98 -1.59 7.73 9.32
CA THR B 98 -1.70 7.62 10.77
C THR B 98 -3.13 7.43 11.27
N TYR B 99 -3.91 8.49 11.28
CA TYR B 99 -5.20 8.48 11.97
C TYR B 99 -6.39 8.50 11.02
N ASN B 100 -7.58 8.27 11.55
CA ASN B 100 -8.82 8.51 10.79
C ASN B 100 -9.96 8.97 11.69
N ILE B 101 -11.18 8.97 11.15
CA ILE B 101 -12.35 9.47 11.87
C ILE B 101 -12.69 8.66 13.13
N ALA B 102 -12.24 7.41 13.17
CA ALA B 102 -12.54 6.52 14.29
C ALA B 102 -11.39 6.42 15.28
N HIS B 103 -10.16 6.58 14.82
CA HIS B 103 -8.99 6.45 15.68
C HIS B 103 -8.05 7.65 15.65
N ASP B 104 -7.84 8.25 16.83
CA ASP B 104 -6.91 9.37 17.00
C ASP B 104 -5.53 8.86 17.39
N TYR B 105 -5.21 7.67 16.93
CA TYR B 105 -3.98 7.00 17.30
C TYR B 105 -3.66 6.02 16.19
N ILE B 106 -2.40 5.64 16.06
CA ILE B 106 -2.02 4.68 15.02
C ILE B 106 -2.63 3.32 15.34
N SER B 107 -3.19 2.67 14.32
CA SER B 107 -3.78 1.34 14.48
C SER B 107 -3.72 0.53 13.20
N TRP B 108 -3.82 -0.80 13.32
CA TRP B 108 -3.75 -1.64 12.14
C TRP B 108 -4.98 -1.43 11.26
N GLU B 109 -6.13 -1.21 11.89
CA GLU B 109 -7.37 -0.94 11.17
C GLU B 109 -7.23 0.35 10.38
N SER B 110 -6.61 1.35 11.00
CA SER B 110 -6.39 2.62 10.34
C SER B 110 -5.52 2.45 9.09
N PHE B 111 -4.62 1.47 9.14
CA PHE B 111 -3.73 1.21 8.03
C PHE B 111 -4.37 0.37 6.92
N SER B 112 -5.11 -0.68 7.31
CA SER B 112 -5.57 -1.68 6.36
C SER B 112 -6.94 -1.39 5.73
N ASN B 113 -7.71 -0.51 6.35
CA ASN B 113 -9.07 -0.23 5.88
C ASN B 113 -9.14 1.04 5.05
N VAL B 114 -8.96 0.90 3.75
CA VAL B 114 -8.90 2.08 2.88
C VAL B 114 -10.26 2.73 2.63
N SER B 115 -11.29 2.28 3.34
CA SER B 115 -12.60 2.91 3.22
C SER B 115 -12.62 4.23 3.98
N TYR B 116 -11.62 4.44 4.81
CA TYR B 116 -11.48 5.68 5.56
C TYR B 116 -10.64 6.72 4.79
N TYR B 117 -11.00 7.99 4.94
CA TYR B 117 -10.06 9.07 4.71
C TYR B 117 -9.06 9.05 5.88
N THR B 118 -7.87 9.61 5.68
CA THR B 118 -6.96 9.76 6.81
C THR B 118 -6.99 11.20 7.31
N ARG B 119 -6.14 11.52 8.27
CA ARG B 119 -6.03 12.88 8.75
C ARG B 119 -4.63 13.16 9.28
N ILE B 120 -4.25 14.43 9.26
CA ILE B 120 -2.90 14.82 9.64
C ILE B 120 -2.83 15.12 11.12
N LEU B 121 -3.86 15.81 11.62
CA LEU B 121 -3.97 16.05 13.05
C LEU B 121 -5.15 15.26 13.59
N PRO B 122 -4.98 14.64 14.77
CA PRO B 122 -6.08 13.95 15.42
C PRO B 122 -7.25 14.89 15.71
N SER B 123 -8.44 14.35 15.92
CA SER B 123 -9.62 15.18 16.10
C SER B 123 -9.58 15.89 17.43
N VAL B 124 -10.42 16.91 17.57
CA VAL B 124 -10.66 17.51 18.88
C VAL B 124 -11.30 16.48 19.79
N PRO B 125 -10.66 16.17 20.93
CA PRO B 125 -11.22 15.20 21.87
C PRO B 125 -12.64 15.55 22.28
N ARG B 126 -13.51 14.55 22.38
CA ARG B 126 -14.92 14.82 22.64
C ARG B 126 -15.14 15.34 24.05
N ASP B 127 -14.19 15.06 24.93
CA ASP B 127 -14.28 15.51 26.31
C ASP B 127 -13.56 16.82 26.50
N CYS B 128 -13.67 17.70 25.50
CA CYS B 128 -13.06 19.01 25.58
C CYS B 128 -14.10 20.06 25.93
N PRO B 129 -13.68 21.09 26.69
CA PRO B 129 -14.50 22.22 27.12
C PRO B 129 -15.22 22.92 25.99
N THR B 130 -14.45 23.52 25.09
CA THR B 130 -15.04 24.19 23.93
C THR B 130 -14.87 23.31 22.69
N PRO B 131 -15.73 23.52 21.67
CA PRO B 131 -15.72 22.73 20.45
C PRO B 131 -14.36 22.62 19.75
N MET B 132 -13.52 23.64 19.89
CA MET B 132 -12.25 23.66 19.18
C MET B 132 -11.09 23.35 20.11
N GLY B 133 -11.41 22.88 21.31
CA GLY B 133 -10.40 22.50 22.26
C GLY B 133 -10.54 23.23 23.57
N THR B 134 -9.87 24.37 23.69
CA THR B 134 -9.92 25.14 24.92
C THR B 134 -10.42 26.56 24.67
N LYS B 135 -9.98 27.16 23.56
CA LYS B 135 -10.33 28.53 23.26
C LYS B 135 -11.70 28.64 22.62
N GLY B 136 -12.23 29.86 22.56
CA GLY B 136 -13.47 30.12 21.85
C GLY B 136 -14.70 30.11 22.74
N LYS B 137 -15.86 29.99 22.11
CA LYS B 137 -17.13 30.04 22.82
C LYS B 137 -17.71 28.66 22.97
N LYS B 138 -18.77 28.56 23.77
CA LYS B 138 -19.45 27.29 23.96
C LYS B 138 -20.05 26.76 22.66
N GLN B 139 -20.54 27.67 21.82
CA GLN B 139 -21.13 27.27 20.54
C GLN B 139 -20.46 28.00 19.38
N LEU B 140 -20.02 27.22 18.39
CA LEU B 140 -19.36 27.77 17.21
C LEU B 140 -20.32 28.62 16.39
N PRO B 141 -19.79 29.62 15.67
CA PRO B 141 -20.61 30.48 14.81
C PRO B 141 -21.49 29.68 13.88
N ASP B 142 -22.66 30.22 13.56
CA ASP B 142 -23.59 29.57 12.65
C ASP B 142 -22.96 29.43 11.27
N ALA B 143 -23.01 28.22 10.71
CA ALA B 143 -22.41 27.95 9.41
C ALA B 143 -23.00 28.83 8.31
N GLU B 144 -24.32 28.82 8.22
CA GLU B 144 -25.06 29.61 7.24
C GLU B 144 -24.68 31.08 7.30
N PHE B 145 -24.76 31.65 8.49
CA PHE B 145 -24.46 33.05 8.70
C PHE B 145 -23.01 33.36 8.32
N LEU B 146 -22.12 32.45 8.68
CA LEU B 146 -20.70 32.58 8.38
C LEU B 146 -20.48 32.71 6.88
N SER B 147 -21.03 31.74 6.15
CA SER B 147 -20.91 31.72 4.70
C SER B 147 -21.53 32.96 4.08
N ARG B 148 -22.71 33.32 4.55
CA ARG B 148 -23.42 34.46 3.99
C ARG B 148 -22.62 35.73 4.21
N ARG B 149 -21.97 35.81 5.35
CA ARG B 149 -21.28 37.03 5.72
C ARG B 149 -19.93 37.18 5.04
N PHE B 150 -19.17 36.09 4.91
CA PHE B 150 -17.78 36.22 4.52
C PHE B 150 -17.40 35.48 3.25
N LEU B 151 -18.26 34.59 2.78
CA LEU B 151 -17.89 33.77 1.64
C LEU B 151 -18.76 34.05 0.42
N LEU B 152 -19.93 34.65 0.64
CA LEU B 152 -20.87 34.92 -0.43
C LEU B 152 -20.39 36.01 -1.38
N ARG B 153 -20.50 35.75 -2.68
CA ARG B 153 -20.04 36.68 -3.71
C ARG B 153 -21.01 37.83 -3.87
N ARG B 154 -20.46 39.04 -3.88
CA ARG B 154 -21.26 40.21 -4.17
C ARG B 154 -20.99 40.63 -5.60
N LYS B 155 -19.80 41.16 -5.82
CA LYS B 155 -19.33 41.42 -7.16
C LYS B 155 -18.27 40.38 -7.52
N PHE B 156 -18.26 39.96 -8.77
CA PHE B 156 -17.33 38.92 -9.21
C PHE B 156 -15.89 39.41 -9.18
N ILE B 157 -15.05 38.65 -8.49
CA ILE B 157 -13.63 38.96 -8.37
C ILE B 157 -12.81 37.93 -9.15
N PRO B 158 -12.35 38.32 -10.34
CA PRO B 158 -11.59 37.41 -11.22
C PRO B 158 -10.26 37.02 -10.62
N ASP B 159 -9.76 35.85 -11.00
CA ASP B 159 -8.44 35.45 -10.55
C ASP B 159 -7.40 36.35 -11.17
N PRO B 160 -6.57 36.99 -10.34
CA PRO B 160 -5.54 37.90 -10.85
C PRO B 160 -4.48 37.18 -11.67
N GLN B 161 -4.47 35.85 -11.64
CA GLN B 161 -3.42 35.10 -12.31
C GLN B 161 -3.83 34.69 -13.73
N GLY B 162 -5.07 35.00 -14.10
CA GLY B 162 -5.56 34.71 -15.42
C GLY B 162 -6.14 33.32 -15.60
N THR B 163 -6.40 32.65 -14.49
CA THR B 163 -6.97 31.31 -14.49
C THR B 163 -8.33 31.30 -15.20
N ASN B 164 -8.55 30.31 -16.05
CA ASN B 164 -9.81 30.22 -16.79
C ASN B 164 -10.69 29.08 -16.29
N LEU B 165 -11.82 28.86 -16.96
CA LEU B 165 -12.75 27.80 -16.56
C LEU B 165 -12.29 26.44 -17.05
N MET B 166 -11.36 26.44 -18.01
CA MET B 166 -10.77 25.20 -18.48
C MET B 166 -10.03 24.58 -17.31
N PHE B 167 -9.28 25.45 -16.63
CA PHE B 167 -8.58 25.07 -15.41
C PHE B 167 -9.57 24.58 -14.37
N ALA B 168 -10.68 25.30 -14.21
CA ALA B 168 -11.66 25.00 -13.18
C ALA B 168 -12.27 23.61 -13.37
N PHE B 169 -12.75 23.34 -14.58
CA PHE B 169 -13.38 22.07 -14.87
C PHE B 169 -12.37 20.95 -14.84
N PHE B 170 -11.11 21.27 -15.18
CA PHE B 170 -10.07 20.27 -15.06
C PHE B 170 -9.82 19.94 -13.60
N ALA B 171 -9.85 20.94 -12.75
CA ALA B 171 -9.58 20.75 -11.33
C ALA B 171 -10.66 19.87 -10.73
N GLN B 172 -11.91 20.25 -11.02
CA GLN B 172 -13.05 19.50 -10.52
C GLN B 172 -13.01 18.05 -11.01
N HIS B 173 -12.86 17.88 -12.32
CA HIS B 173 -12.84 16.57 -12.96
C HIS B 173 -11.73 15.71 -12.37
N PHE B 174 -10.53 16.25 -12.35
CA PHE B 174 -9.36 15.55 -11.84
C PHE B 174 -9.52 15.14 -10.38
N THR B 175 -9.88 16.08 -9.53
CA THR B 175 -9.93 15.77 -8.09
C THR B 175 -11.08 14.84 -7.75
N HIS B 176 -12.06 14.73 -8.63
CA HIS B 176 -13.20 13.89 -8.29
C HIS B 176 -12.96 12.41 -8.58
N GLN B 177 -11.69 12.03 -8.73
CA GLN B 177 -11.34 10.60 -8.83
C GLN B 177 -10.81 10.07 -7.50
N PHE B 178 -10.49 10.97 -6.57
CA PHE B 178 -10.05 10.56 -5.24
C PHE B 178 -10.79 11.28 -4.13
N PHE B 179 -11.60 12.27 -4.48
CA PHE B 179 -12.55 12.86 -3.56
C PHE B 179 -13.95 12.31 -3.88
N LYS B 180 -14.37 11.28 -3.16
CA LYS B 180 -15.69 10.67 -3.35
C LYS B 180 -16.25 10.21 -2.01
N THR B 181 -16.77 11.14 -1.23
CA THR B 181 -17.29 10.79 0.08
C THR B 181 -18.53 9.89 -0.06
N SER B 182 -18.60 8.86 0.79
CA SER B 182 -19.72 7.90 0.78
C SER B 182 -20.91 8.42 1.58
N GLY B 183 -22.02 8.67 0.88
CA GLY B 183 -23.21 9.19 1.51
C GLY B 183 -23.91 8.20 2.41
N LYS B 184 -23.64 6.92 2.18
CA LYS B 184 -24.24 5.84 2.96
C LYS B 184 -23.41 5.53 4.20
N MET B 185 -22.10 5.76 4.10
CA MET B 185 -21.21 5.49 5.23
C MET B 185 -20.98 6.75 6.05
N GLY B 186 -21.11 7.91 5.39
CA GLY B 186 -21.07 9.17 6.12
C GLY B 186 -19.73 9.86 6.01
N PRO B 187 -19.60 11.00 6.69
CA PRO B 187 -18.37 11.80 6.61
C PRO B 187 -17.19 11.01 7.13
N GLY B 188 -16.07 11.11 6.45
CA GLY B 188 -14.84 10.45 6.87
C GLY B 188 -14.57 9.16 6.10
N PHE B 189 -15.48 8.83 5.18
CA PHE B 189 -15.38 7.61 4.39
C PHE B 189 -15.39 7.92 2.88
N THR B 190 -14.77 7.06 2.07
CA THR B 190 -14.64 7.34 0.64
C THR B 190 -14.84 6.10 -0.23
N LYS B 191 -15.33 6.31 -1.46
CA LYS B 191 -15.54 5.24 -2.43
C LYS B 191 -14.37 5.10 -3.39
N ALA B 192 -13.49 6.10 -3.41
CA ALA B 192 -12.36 6.11 -4.32
C ALA B 192 -11.19 5.44 -3.66
N LEU B 193 -11.22 4.11 -3.64
CA LEU B 193 -10.24 3.34 -2.88
C LEU B 193 -8.86 3.39 -3.53
N GLY B 194 -8.77 4.03 -4.69
CA GLY B 194 -7.49 4.23 -5.35
C GLY B 194 -6.64 5.24 -4.62
N HIS B 195 -7.28 6.14 -3.88
CA HIS B 195 -6.60 7.13 -3.07
C HIS B 195 -5.54 7.91 -3.83
N GLY B 196 -5.83 8.23 -5.09
CA GLY B 196 -4.88 8.96 -5.91
C GLY B 196 -5.26 8.99 -7.36
N VAL B 197 -4.26 9.19 -8.21
CA VAL B 197 -4.47 9.26 -9.64
C VAL B 197 -4.56 7.86 -10.24
N ASP B 198 -5.71 7.22 -10.08
CA ASP B 198 -5.90 5.90 -10.66
C ASP B 198 -6.78 5.99 -11.90
N LEU B 199 -7.34 7.18 -12.11
CA LEU B 199 -8.25 7.47 -13.21
C LEU B 199 -9.54 6.69 -13.08
N GLY B 200 -9.96 6.47 -11.82
CA GLY B 200 -11.22 5.82 -11.54
C GLY B 200 -12.43 6.65 -11.96
N HIS B 201 -12.21 7.91 -12.29
CA HIS B 201 -13.28 8.75 -12.82
C HIS B 201 -13.43 8.55 -14.33
N ILE B 202 -12.61 7.65 -14.88
CA ILE B 202 -12.68 7.31 -16.29
C ILE B 202 -13.04 5.85 -16.45
N TYR B 203 -12.44 5.00 -15.62
CA TYR B 203 -12.62 3.56 -15.73
C TYR B 203 -13.52 2.99 -14.64
N GLY B 204 -13.87 3.80 -13.65
CA GLY B 204 -14.74 3.34 -12.58
C GLY B 204 -13.99 2.97 -11.32
N ASP B 205 -14.64 3.16 -10.17
CA ASP B 205 -13.99 2.88 -8.91
C ASP B 205 -14.02 1.40 -8.61
N ASN B 206 -14.76 0.65 -9.41
CA ASN B 206 -14.88 -0.80 -9.18
C ASN B 206 -14.87 -1.62 -10.47
N LEU B 207 -14.51 -2.88 -10.34
CA LEU B 207 -14.28 -3.75 -11.48
C LEU B 207 -15.49 -3.89 -12.39
N GLU B 208 -16.65 -4.20 -11.81
CA GLU B 208 -17.83 -4.49 -12.63
C GLU B 208 -18.23 -3.27 -13.45
N ARG B 209 -18.16 -2.10 -12.84
CA ARG B 209 -18.41 -0.84 -13.54
C ARG B 209 -17.45 -0.70 -14.72
N GLN B 210 -16.18 -0.98 -14.47
CA GLN B 210 -15.17 -0.92 -15.51
C GLN B 210 -15.51 -1.82 -16.67
N TYR B 211 -15.88 -3.05 -16.35
CA TYR B 211 -16.20 -4.06 -17.35
C TYR B 211 -17.41 -3.65 -18.18
N GLN B 212 -18.38 -3.02 -17.53
CA GLN B 212 -19.55 -2.55 -18.24
C GLN B 212 -19.16 -1.39 -19.16
N LEU B 213 -18.11 -0.67 -18.79
CA LEU B 213 -17.67 0.47 -19.59
C LEU B 213 -16.80 0.06 -20.80
N ARG B 214 -16.26 -1.15 -20.77
CA ARG B 214 -15.29 -1.56 -21.79
C ARG B 214 -15.92 -2.22 -23.00
N LEU B 215 -15.32 -1.96 -24.15
CA LEU B 215 -15.77 -2.57 -25.39
C LEU B 215 -15.39 -4.05 -25.39
N PHE B 216 -14.32 -4.35 -24.66
CA PHE B 216 -13.66 -5.65 -24.70
C PHE B 216 -13.22 -6.02 -26.11
N LYS B 217 -13.06 -5.02 -26.95
CA LYS B 217 -12.43 -5.21 -28.26
C LYS B 217 -11.32 -4.20 -28.42
N ASP B 218 -10.12 -4.70 -28.69
CA ASP B 218 -8.94 -3.87 -28.90
C ASP B 218 -8.57 -3.01 -27.69
N GLY B 219 -9.07 -3.38 -26.51
CA GLY B 219 -8.69 -2.70 -25.28
C GLY B 219 -9.51 -1.44 -25.06
N LYS B 220 -10.46 -1.22 -25.95
CA LYS B 220 -11.13 0.07 -26.04
C LYS B 220 -12.32 0.22 -25.12
N LEU B 221 -12.72 1.47 -24.91
CA LEU B 221 -13.88 1.82 -24.14
C LEU B 221 -15.09 1.97 -25.05
N LYS B 222 -16.27 1.67 -24.53
CA LYS B 222 -17.47 1.80 -25.31
C LYS B 222 -17.67 3.27 -25.65
N TYR B 223 -18.36 3.54 -26.76
CA TYR B 223 -18.58 4.90 -27.20
C TYR B 223 -19.77 4.96 -28.16
N GLN B 224 -20.26 6.15 -28.41
CA GLN B 224 -21.33 6.34 -29.38
C GLN B 224 -20.95 7.44 -30.36
N MET B 225 -21.54 7.41 -31.54
CA MET B 225 -21.27 8.41 -32.56
C MET B 225 -22.42 9.37 -32.71
N LEU B 226 -22.13 10.66 -32.63
CA LEU B 226 -23.13 11.71 -32.73
C LEU B 226 -22.59 12.87 -33.55
N ASN B 227 -23.30 13.23 -34.62
CA ASN B 227 -22.86 14.26 -35.56
C ASN B 227 -21.45 14.00 -36.08
N GLY B 228 -21.10 12.71 -36.19
CA GLY B 228 -19.79 12.31 -36.68
C GLY B 228 -18.69 12.43 -35.64
N GLU B 229 -19.06 12.48 -34.37
CA GLU B 229 -18.10 12.71 -33.29
C GLU B 229 -18.29 11.70 -32.16
N VAL B 230 -17.18 11.28 -31.57
CA VAL B 230 -17.19 10.24 -30.54
C VAL B 230 -17.56 10.79 -29.17
N TYR B 231 -18.47 10.09 -28.49
CA TYR B 231 -18.89 10.48 -27.14
C TYR B 231 -19.02 9.27 -26.25
N PRO B 232 -19.10 9.48 -24.92
CA PRO B 232 -19.39 8.34 -24.04
C PRO B 232 -20.69 7.67 -24.44
N PRO B 233 -20.79 6.36 -24.22
CA PRO B 233 -21.99 5.61 -24.55
C PRO B 233 -23.17 5.97 -23.65
N SER B 234 -24.37 5.56 -24.01
CA SER B 234 -25.53 5.79 -23.17
C SER B 234 -25.63 4.70 -22.11
N VAL B 235 -26.36 4.96 -21.03
CA VAL B 235 -26.60 3.96 -19.99
C VAL B 235 -27.36 2.77 -20.57
N GLU B 236 -28.06 2.99 -21.68
CA GLU B 236 -28.70 1.90 -22.39
C GLU B 236 -27.71 0.83 -22.79
N GLU B 237 -26.61 1.26 -23.40
CA GLU B 237 -25.62 0.32 -23.92
C GLU B 237 -24.58 0.00 -22.88
N ALA B 238 -24.45 0.87 -21.88
CA ALA B 238 -23.51 0.65 -20.80
C ALA B 238 -24.20 0.84 -19.45
N PRO B 239 -24.95 -0.18 -19.02
CA PRO B 239 -25.80 -0.15 -17.81
C PRO B 239 -25.00 0.16 -16.55
N VAL B 240 -24.74 1.44 -16.29
CA VAL B 240 -23.92 1.84 -15.17
C VAL B 240 -24.61 2.90 -14.32
N LEU B 241 -24.46 2.82 -13.00
CA LEU B 241 -25.15 3.72 -12.09
C LEU B 241 -24.68 5.17 -12.28
N MET B 242 -25.55 6.01 -12.85
CA MET B 242 -25.27 7.43 -13.00
C MET B 242 -26.24 8.23 -12.17
N HIS B 243 -25.75 9.29 -11.55
CA HIS B 243 -26.61 10.16 -10.76
C HIS B 243 -27.15 11.30 -11.58
N TYR B 244 -28.30 11.05 -12.19
CA TYR B 244 -29.03 12.07 -12.91
C TYR B 244 -30.28 12.47 -12.14
N PRO B 245 -30.84 13.66 -12.43
CA PRO B 245 -32.14 14.01 -11.89
C PRO B 245 -33.22 13.05 -12.39
N ARG B 246 -34.07 12.56 -11.50
CA ARG B 246 -35.06 11.57 -11.89
C ARG B 246 -36.01 12.16 -12.92
N GLY B 247 -36.45 11.32 -13.85
CA GLY B 247 -37.25 11.78 -14.96
C GLY B 247 -36.41 11.73 -16.24
N ILE B 248 -35.10 11.69 -16.07
CA ILE B 248 -34.19 11.52 -17.20
C ILE B 248 -33.91 10.05 -17.43
N PRO B 249 -34.27 9.55 -18.63
CA PRO B 249 -34.20 8.13 -18.97
C PRO B 249 -32.76 7.67 -19.22
N PRO B 250 -32.50 6.37 -19.01
CA PRO B 250 -31.19 5.80 -19.31
C PRO B 250 -30.77 6.04 -20.75
N GLN B 251 -31.74 6.17 -21.65
CA GLN B 251 -31.47 6.50 -23.04
C GLN B 251 -30.77 7.85 -23.17
N SER B 252 -31.08 8.76 -22.25
CA SER B 252 -30.58 10.12 -22.35
C SER B 252 -29.36 10.37 -21.48
N GLN B 253 -28.97 9.37 -20.70
CA GLN B 253 -27.81 9.51 -19.83
C GLN B 253 -26.56 8.98 -20.54
N MET B 254 -25.44 9.67 -20.34
CA MET B 254 -24.16 9.17 -20.82
C MET B 254 -23.43 8.45 -19.70
N ALA B 255 -22.74 7.36 -20.03
CA ALA B 255 -22.05 6.57 -19.03
C ALA B 255 -20.56 6.86 -18.99
N VAL B 256 -20.07 7.24 -17.82
CA VAL B 256 -18.64 7.48 -17.61
C VAL B 256 -18.19 6.92 -16.27
N GLY B 257 -16.92 7.12 -15.95
CA GLY B 257 -16.34 6.54 -14.75
C GLY B 257 -16.87 7.08 -13.43
N GLN B 258 -17.23 8.36 -13.41
CA GLN B 258 -17.74 8.99 -12.19
C GLN B 258 -19.24 9.25 -12.31
N GLU B 259 -20.00 8.84 -11.29
CA GLU B 259 -21.46 8.85 -11.33
C GLU B 259 -22.09 10.23 -11.38
N VAL B 260 -21.31 11.25 -11.11
CA VAL B 260 -21.86 12.60 -10.98
C VAL B 260 -21.51 13.50 -12.15
N PHE B 261 -20.77 12.96 -13.12
CA PHE B 261 -20.26 13.79 -14.20
C PHE B 261 -21.33 14.22 -15.20
N GLY B 262 -22.53 13.69 -15.07
CA GLY B 262 -23.61 14.05 -15.98
C GLY B 262 -24.26 15.37 -15.61
N LEU B 263 -23.96 15.85 -14.40
CA LEU B 263 -24.61 17.04 -13.89
C LEU B 263 -23.97 18.33 -14.38
N LEU B 264 -22.82 18.23 -15.06
CA LEU B 264 -22.14 19.40 -15.60
C LEU B 264 -21.49 19.11 -16.94
N PRO B 265 -21.71 20.00 -17.93
CA PRO B 265 -21.13 19.80 -19.26
C PRO B 265 -19.60 19.91 -19.30
N GLY B 266 -18.96 20.64 -18.40
CA GLY B 266 -17.50 20.71 -18.38
C GLY B 266 -16.89 19.37 -17.98
N LEU B 267 -17.54 18.74 -17.02
CA LEU B 267 -17.14 17.41 -16.56
C LEU B 267 -17.25 16.39 -17.66
N MET B 268 -18.39 16.39 -18.34
CA MET B 268 -18.60 15.43 -19.41
C MET B 268 -17.72 15.76 -20.60
N LEU B 269 -17.33 17.04 -20.70
CA LEU B 269 -16.35 17.46 -21.67
C LEU B 269 -15.06 16.70 -21.44
N TYR B 270 -14.56 16.76 -20.20
CA TYR B 270 -13.31 16.08 -19.89
C TYR B 270 -13.40 14.55 -19.98
N ALA B 271 -14.56 14.00 -19.60
CA ALA B 271 -14.81 12.58 -19.79
C ALA B 271 -14.71 12.19 -21.25
N THR B 272 -15.28 13.02 -22.12
CA THR B 272 -15.23 12.78 -23.55
C THR B 272 -13.81 12.82 -24.06
N ILE B 273 -13.09 13.85 -23.65
CA ILE B 273 -11.71 14.04 -24.07
C ILE B 273 -10.81 12.86 -23.69
N TRP B 274 -10.92 12.43 -22.44
CA TRP B 274 -10.08 11.35 -21.96
C TRP B 274 -10.48 10.01 -22.55
N LEU B 275 -11.78 9.81 -22.76
CA LEU B 275 -12.26 8.61 -23.44
C LEU B 275 -11.61 8.48 -24.84
N ARG B 276 -11.73 9.55 -25.61
CA ARG B 276 -11.15 9.59 -26.95
C ARG B 276 -9.65 9.32 -26.90
N GLU B 277 -8.98 9.97 -25.95
CA GLU B 277 -7.55 9.76 -25.77
C GLU B 277 -7.24 8.28 -25.53
N HIS B 278 -7.99 7.67 -24.63
CA HIS B 278 -7.79 6.25 -24.31
C HIS B 278 -7.88 5.38 -25.56
N ASN B 279 -8.95 5.55 -26.32
CA ASN B 279 -9.10 4.72 -27.50
C ASN B 279 -8.01 5.00 -28.55
N ARG B 280 -7.56 6.24 -28.65
CA ARG B 280 -6.49 6.59 -29.58
C ARG B 280 -5.17 5.92 -29.22
N VAL B 281 -4.87 5.94 -27.92
CA VAL B 281 -3.72 5.24 -27.39
C VAL B 281 -3.82 3.74 -27.70
N CYS B 282 -5.01 3.17 -27.45
CA CYS B 282 -5.26 1.79 -27.78
C CYS B 282 -4.88 1.52 -29.23
N ASP B 283 -5.28 2.41 -30.13
CA ASP B 283 -4.93 2.27 -31.54
C ASP B 283 -3.43 2.23 -31.75
N LEU B 284 -2.71 3.13 -31.10
CA LEU B 284 -1.26 3.12 -31.24
C LEU B 284 -0.67 1.80 -30.78
N LEU B 285 -1.10 1.38 -29.60
CA LEU B 285 -0.63 0.16 -28.98
C LEU B 285 -0.88 -1.07 -29.84
N LYS B 286 -2.10 -1.21 -30.34
CA LYS B 286 -2.45 -2.35 -31.17
C LYS B 286 -1.65 -2.32 -32.46
N ALA B 287 -1.40 -1.13 -32.98
CA ALA B 287 -0.55 -1.02 -34.16
C ALA B 287 0.82 -1.58 -33.84
N GLU B 288 1.30 -1.30 -32.63
CA GLU B 288 2.63 -1.75 -32.24
C GLU B 288 2.65 -3.22 -31.79
N HIS B 289 1.56 -3.69 -31.18
CA HIS B 289 1.54 -5.04 -30.63
C HIS B 289 0.36 -5.87 -31.14
N PRO B 290 0.45 -6.34 -32.40
CA PRO B 290 -0.64 -7.10 -33.01
C PRO B 290 -0.99 -8.39 -32.26
N THR B 291 -0.05 -8.90 -31.47
CA THR B 291 -0.28 -10.19 -30.79
C THR B 291 -1.01 -10.03 -29.46
N TRP B 292 -1.11 -8.80 -28.98
CA TRP B 292 -1.72 -8.52 -27.68
C TRP B 292 -3.22 -8.75 -27.69
N GLY B 293 -3.76 -9.06 -26.52
CA GLY B 293 -5.19 -9.21 -26.37
C GLY B 293 -5.84 -7.93 -25.87
N ASP B 294 -7.16 -7.98 -25.70
CA ASP B 294 -7.92 -6.82 -25.23
C ASP B 294 -7.42 -6.31 -23.90
N GLU B 295 -7.17 -7.24 -22.98
CA GLU B 295 -6.83 -6.89 -21.61
C GLU B 295 -5.55 -6.09 -21.55
N GLN B 296 -4.49 -6.59 -22.19
CA GLN B 296 -3.19 -5.94 -22.11
C GLN B 296 -3.23 -4.56 -22.74
N LEU B 297 -3.97 -4.41 -23.83
CA LEU B 297 -4.12 -3.11 -24.48
C LEU B 297 -4.84 -2.13 -23.57
N PHE B 298 -5.95 -2.57 -22.99
CA PHE B 298 -6.70 -1.73 -22.08
C PHE B 298 -5.84 -1.27 -20.89
N GLN B 299 -5.22 -2.23 -20.23
CA GLN B 299 -4.41 -1.92 -19.06
C GLN B 299 -3.26 -0.97 -19.38
N THR B 300 -2.55 -1.25 -20.47
CA THR B 300 -1.42 -0.42 -20.85
C THR B 300 -1.87 1.00 -21.18
N ALA B 301 -2.98 1.09 -21.90
CA ALA B 301 -3.54 2.39 -22.26
C ALA B 301 -3.84 3.17 -21.00
N ARG B 302 -4.41 2.47 -20.02
CA ARG B 302 -4.73 3.10 -18.74
C ARG B 302 -3.47 3.64 -18.08
N LEU B 303 -2.40 2.86 -18.10
CA LEU B 303 -1.13 3.30 -17.53
C LEU B 303 -0.59 4.56 -18.21
N ILE B 304 -0.60 4.55 -19.53
CA ILE B 304 -0.15 5.70 -20.31
C ILE B 304 -0.94 6.95 -19.97
N LEU B 305 -2.26 6.78 -19.83
CA LEU B 305 -3.10 7.92 -19.52
C LEU B 305 -2.85 8.44 -18.12
N ILE B 306 -2.51 7.54 -17.21
CA ILE B 306 -2.16 7.95 -15.85
C ILE B 306 -0.89 8.80 -15.88
N GLY B 307 0.09 8.33 -16.63
CA GLY B 307 1.32 9.08 -16.80
C GLY B 307 1.07 10.43 -17.42
N GLU B 308 0.23 10.48 -18.44
CA GLU B 308 -0.06 11.72 -19.12
C GLU B 308 -0.72 12.71 -18.18
N THR B 309 -1.66 12.20 -17.39
CA THR B 309 -2.37 13.02 -16.42
C THR B 309 -1.42 13.63 -15.38
N ILE B 310 -0.57 12.79 -14.80
CA ILE B 310 0.41 13.30 -13.83
C ILE B 310 1.32 14.35 -14.48
N LYS B 311 1.81 14.04 -15.67
CA LYS B 311 2.68 14.94 -16.43
C LYS B 311 2.05 16.33 -16.65
N ILE B 312 0.83 16.35 -17.17
CA ILE B 312 0.15 17.62 -17.43
C ILE B 312 -0.22 18.38 -16.16
N VAL B 313 -0.78 17.66 -15.19
CA VAL B 313 -1.13 18.26 -13.90
C VAL B 313 0.08 18.95 -13.29
N ILE B 314 1.24 18.29 -13.32
CA ILE B 314 2.43 18.92 -12.74
C ILE B 314 2.93 20.07 -13.59
N GLU B 315 3.20 19.81 -14.86
CA GLU B 315 3.90 20.79 -15.66
C GLU B 315 3.03 21.93 -16.21
N GLU B 316 1.72 21.89 -15.94
CA GLU B 316 0.85 22.96 -16.43
C GLU B 316 -0.20 23.43 -15.44
N TYR B 317 -0.86 22.49 -14.78
CA TYR B 317 -1.93 22.80 -13.85
C TYR B 317 -1.34 23.44 -12.60
N VAL B 318 -0.48 22.69 -11.93
CA VAL B 318 0.16 23.19 -10.73
C VAL B 318 1.05 24.36 -11.10
N GLN B 319 1.54 24.37 -12.34
CA GLN B 319 2.33 25.49 -12.83
C GLN B 319 1.55 26.80 -12.83
N GLN B 320 0.49 26.83 -13.61
CA GLN B 320 -0.43 27.96 -13.69
C GLN B 320 -0.88 28.40 -12.30
N LEU B 321 -1.24 27.42 -11.52
CA LEU B 321 -1.71 27.61 -10.15
C LEU B 321 -0.68 28.30 -9.26
N SER B 322 0.56 27.85 -9.34
CA SER B 322 1.63 28.35 -8.48
C SER B 322 2.09 29.74 -8.90
N GLY B 323 2.15 29.95 -10.21
CA GLY B 323 2.65 31.20 -10.75
C GLY B 323 4.15 31.30 -10.61
N TYR B 324 4.79 30.19 -10.28
CA TYR B 324 6.25 30.16 -10.13
C TYR B 324 6.94 30.44 -11.46
N PHE B 325 8.05 31.19 -11.41
CA PHE B 325 8.87 31.40 -12.60
C PHE B 325 9.78 30.20 -12.76
N LEU B 326 9.92 29.43 -11.69
CA LEU B 326 10.58 28.15 -11.80
C LEU B 326 9.71 27.22 -12.63
N GLN B 327 10.28 26.70 -13.71
CA GLN B 327 9.57 25.73 -14.53
C GLN B 327 9.52 24.39 -13.81
N LEU B 328 8.31 23.96 -13.44
CA LEU B 328 8.11 22.69 -12.76
C LEU B 328 8.32 21.54 -13.74
N LYS B 329 8.88 20.44 -13.26
CA LYS B 329 9.25 19.31 -14.12
C LYS B 329 8.78 17.98 -13.54
N PHE B 330 8.15 17.17 -14.39
CA PHE B 330 7.77 15.82 -14.01
C PHE B 330 8.86 14.83 -14.41
N ASP B 331 9.66 14.43 -13.43
CA ASP B 331 10.69 13.41 -13.63
C ASP B 331 10.90 12.58 -12.37
N PRO B 332 10.31 11.38 -12.33
CA PRO B 332 10.40 10.43 -11.22
C PRO B 332 11.83 10.12 -10.80
N GLU B 333 12.76 10.17 -11.73
CA GLU B 333 14.15 9.80 -11.46
C GLU B 333 14.80 10.69 -10.41
N LEU B 334 14.27 11.90 -10.24
CA LEU B 334 14.77 12.83 -9.22
C LEU B 334 14.62 12.25 -7.83
N LEU B 335 13.66 11.34 -7.65
CA LEU B 335 13.41 10.74 -6.35
C LEU B 335 14.10 9.39 -6.19
N PHE B 336 14.80 8.97 -7.23
CA PHE B 336 15.42 7.65 -7.23
C PHE B 336 16.63 7.61 -6.32
N GLY B 337 17.03 8.77 -5.82
CA GLY B 337 18.13 8.83 -4.88
C GLY B 337 17.67 9.20 -3.48
N ALA B 338 16.36 9.20 -3.29
CA ALA B 338 15.78 9.68 -2.04
C ALA B 338 15.04 8.61 -1.28
N GLN B 339 14.59 8.95 -0.07
CA GLN B 339 13.79 8.06 0.75
C GLN B 339 12.32 8.41 0.59
N PHE B 340 11.67 7.78 -0.38
CA PHE B 340 10.30 8.13 -0.74
C PHE B 340 9.43 6.88 -0.83
N GLN B 341 8.28 6.93 -0.16
CA GLN B 341 7.32 5.84 -0.22
C GLN B 341 6.30 6.08 -1.32
N TYR B 342 6.18 5.12 -2.22
CA TYR B 342 5.21 5.22 -3.30
C TYR B 342 3.86 4.65 -2.90
N ARG B 343 3.23 5.31 -1.93
CA ARG B 343 1.86 5.01 -1.54
C ARG B 343 1.16 6.31 -1.17
N ASN B 344 -0.14 6.37 -1.41
CA ASN B 344 -0.90 7.56 -1.07
C ASN B 344 -2.20 7.25 -0.36
N ARG B 345 -2.57 8.13 0.57
CA ARG B 345 -3.85 8.03 1.27
C ARG B 345 -4.49 9.40 1.37
N ILE B 346 -5.65 9.55 0.75
CA ILE B 346 -6.31 10.86 0.72
C ILE B 346 -6.76 11.30 2.10
N ALA B 347 -6.35 12.52 2.48
CA ALA B 347 -6.68 13.05 3.79
C ALA B 347 -7.96 13.85 3.74
N MET B 348 -8.63 13.97 4.88
CA MET B 348 -9.87 14.71 4.95
C MET B 348 -9.59 16.20 4.83
N GLU B 349 -8.46 16.62 5.36
CA GLU B 349 -8.04 18.02 5.26
C GLU B 349 -7.77 18.40 3.80
N PHE B 350 -7.29 17.44 3.03
CA PHE B 350 -7.06 17.66 1.60
C PHE B 350 -8.39 17.86 0.91
N ASN B 351 -9.35 17.02 1.28
CA ASN B 351 -10.70 17.14 0.77
C ASN B 351 -11.26 18.53 1.02
N GLN B 352 -11.30 18.91 2.29
CA GLN B 352 -11.79 20.23 2.71
C GLN B 352 -11.10 21.35 1.96
N LEU B 353 -9.79 21.20 1.80
CA LEU B 353 -8.97 22.25 1.23
C LEU B 353 -9.25 22.48 -0.25
N TYR B 354 -9.67 21.44 -0.95
CA TYR B 354 -9.78 21.53 -2.41
C TYR B 354 -11.15 21.97 -2.87
N HIS B 355 -11.97 22.47 -1.96
CA HIS B 355 -13.27 23.00 -2.35
C HIS B 355 -13.11 24.36 -2.97
N TRP B 356 -12.72 24.38 -4.25
CA TRP B 356 -12.38 25.61 -4.93
C TRP B 356 -13.57 26.22 -5.65
N HIS B 357 -14.70 26.23 -4.97
CA HIS B 357 -15.93 26.77 -5.53
C HIS B 357 -15.92 28.24 -5.93
N PRO B 358 -15.04 29.08 -5.34
CA PRO B 358 -15.01 30.45 -5.87
C PRO B 358 -14.60 30.53 -7.33
N LEU B 359 -14.03 29.47 -7.88
CA LEU B 359 -13.61 29.48 -9.27
C LEU B 359 -14.78 29.66 -10.23
N MET B 360 -15.96 29.18 -9.83
CA MET B 360 -17.09 29.20 -10.74
C MET B 360 -17.66 30.61 -10.89
N PRO B 361 -17.93 31.01 -12.13
CA PRO B 361 -18.37 32.36 -12.50
C PRO B 361 -19.82 32.66 -12.14
N ASP B 362 -20.34 33.71 -12.74
CA ASP B 362 -21.72 34.13 -12.52
C ASP B 362 -22.63 33.54 -13.59
N SER B 363 -22.04 33.37 -14.77
CA SER B 363 -22.73 32.75 -15.89
C SER B 363 -21.66 32.11 -16.75
N PHE B 364 -22.09 31.42 -17.81
CA PHE B 364 -21.15 30.70 -18.65
C PHE B 364 -21.29 31.16 -20.07
N ARG B 365 -20.28 31.88 -20.55
CA ARG B 365 -20.27 32.42 -21.88
C ARG B 365 -19.79 31.40 -22.90
N VAL B 366 -20.67 31.02 -23.82
CA VAL B 366 -20.28 30.19 -24.95
C VAL B 366 -20.51 30.97 -26.24
N GLY B 367 -19.42 31.52 -26.78
CA GLY B 367 -19.50 32.36 -27.96
C GLY B 367 -20.34 33.58 -27.65
N PRO B 368 -21.33 33.86 -28.50
CA PRO B 368 -22.23 34.98 -28.26
C PRO B 368 -23.32 34.66 -27.23
N GLN B 369 -23.34 33.42 -26.75
CA GLN B 369 -24.35 33.02 -25.79
C GLN B 369 -23.88 33.15 -24.34
N ASP B 370 -24.82 33.39 -23.44
CA ASP B 370 -24.51 33.46 -22.02
C ASP B 370 -25.52 32.65 -21.22
N TYR B 371 -25.15 31.48 -20.75
CA TYR B 371 -26.06 30.56 -20.08
C TYR B 371 -25.95 30.68 -18.61
N SER B 372 -27.07 30.66 -17.94
CA SER B 372 -27.12 30.78 -16.50
C SER B 372 -26.86 29.41 -15.87
N TYR B 373 -26.85 29.37 -14.55
CA TYR B 373 -26.60 28.11 -13.85
C TYR B 373 -27.70 27.08 -14.12
N GLU B 374 -28.95 27.54 -14.15
CA GLU B 374 -30.07 26.64 -14.42
C GLU B 374 -29.95 26.04 -15.81
N GLN B 375 -29.47 26.85 -16.75
CA GLN B 375 -29.27 26.39 -18.12
C GLN B 375 -28.09 25.45 -18.23
N PHE B 376 -27.10 25.67 -17.40
CA PHE B 376 -25.84 24.94 -17.50
C PHE B 376 -25.86 23.66 -16.69
N LEU B 377 -26.28 23.78 -15.44
CA LEU B 377 -26.37 22.61 -14.57
C LEU B 377 -27.32 21.59 -15.16
N PHE B 378 -26.92 20.34 -15.11
CA PHE B 378 -27.73 19.23 -15.55
C PHE B 378 -28.13 19.35 -17.02
N ASN B 379 -27.44 20.18 -17.78
CA ASN B 379 -27.75 20.29 -19.19
C ASN B 379 -27.24 19.07 -19.94
N THR B 380 -28.11 18.46 -20.73
CA THR B 380 -27.83 17.16 -21.34
C THR B 380 -27.50 17.20 -22.83
N SER B 381 -27.49 18.39 -23.41
CA SER B 381 -27.29 18.48 -24.84
C SER B 381 -26.23 19.50 -25.22
N MET B 382 -25.86 20.34 -24.28
CA MET B 382 -24.93 21.44 -24.57
C MET B 382 -23.63 20.94 -25.17
N LEU B 383 -23.09 19.90 -24.54
CA LEU B 383 -21.84 19.30 -25.00
C LEU B 383 -21.96 18.82 -26.45
N VAL B 384 -23.04 18.12 -26.74
CA VAL B 384 -23.26 17.55 -28.07
C VAL B 384 -23.62 18.63 -29.10
N ASP B 385 -24.34 19.66 -28.67
CA ASP B 385 -24.70 20.75 -29.54
C ASP B 385 -23.49 21.56 -29.97
N TYR B 386 -22.64 21.92 -29.04
CA TYR B 386 -21.54 22.75 -29.41
C TYR B 386 -20.37 21.98 -29.88
N GLY B 387 -20.16 20.83 -29.29
CA GLY B 387 -19.00 20.03 -29.60
C GLY B 387 -17.86 20.35 -28.65
N VAL B 388 -16.84 19.49 -28.66
CA VAL B 388 -15.70 19.63 -27.76
C VAL B 388 -14.86 20.88 -28.05
N GLU B 389 -14.51 21.08 -29.31
CA GLU B 389 -13.70 22.21 -29.72
C GLU B 389 -14.27 23.53 -29.21
N ALA B 390 -15.56 23.71 -29.42
CA ALA B 390 -16.24 24.95 -29.04
C ALA B 390 -16.27 25.18 -27.52
N LEU B 391 -16.63 24.16 -26.76
CA LEU B 391 -16.70 24.29 -25.31
C LEU B 391 -15.32 24.49 -24.70
N VAL B 392 -14.31 23.83 -25.27
CA VAL B 392 -12.94 23.99 -24.81
C VAL B 392 -12.45 25.41 -25.08
N ASP B 393 -12.73 25.91 -26.28
CA ASP B 393 -12.41 27.28 -26.63
C ASP B 393 -13.07 28.27 -25.66
N ALA B 394 -14.36 28.07 -25.46
CA ALA B 394 -15.18 28.93 -24.61
C ALA B 394 -14.69 28.97 -23.17
N PHE B 395 -14.46 27.79 -22.60
CA PHE B 395 -13.99 27.68 -21.22
C PHE B 395 -12.59 28.25 -21.06
N SER B 396 -11.77 28.08 -22.10
CA SER B 396 -10.40 28.54 -22.04
C SER B 396 -10.34 30.05 -22.15
N ARG B 397 -11.37 30.65 -22.74
CA ARG B 397 -11.41 32.11 -22.87
C ARG B 397 -12.02 32.83 -21.66
N GLN B 398 -12.89 32.16 -20.92
CA GLN B 398 -13.55 32.82 -19.80
C GLN B 398 -12.78 32.61 -18.49
N PRO B 399 -12.52 33.71 -17.77
CA PRO B 399 -11.71 33.70 -16.55
C PRO B 399 -12.46 33.13 -15.34
N ALA B 400 -11.74 32.46 -14.46
CA ALA B 400 -12.33 31.93 -13.24
C ALA B 400 -12.21 32.92 -12.10
N GLY B 401 -12.84 32.59 -10.98
CA GLY B 401 -12.85 33.46 -9.84
C GLY B 401 -11.66 33.23 -8.94
N ARG B 402 -11.27 34.27 -8.23
CA ARG B 402 -10.19 34.15 -7.27
C ARG B 402 -10.66 33.25 -6.12
N ILE B 403 -9.83 32.29 -5.74
CA ILE B 403 -10.20 31.32 -4.72
C ILE B 403 -10.17 31.89 -3.30
N GLY B 404 -9.06 32.49 -2.91
CA GLY B 404 -8.93 33.02 -1.57
C GLY B 404 -9.40 34.47 -1.47
N GLY B 405 -9.44 34.98 -0.24
CA GLY B 405 -9.75 36.38 -0.02
C GLY B 405 -11.14 36.62 0.51
N GLY B 406 -12.06 35.70 0.21
CA GLY B 406 -13.41 35.79 0.71
C GLY B 406 -14.37 36.45 -0.27
N ARG B 407 -15.67 36.28 0.01
CA ARG B 407 -16.74 36.88 -0.80
C ARG B 407 -16.58 36.65 -2.28
N ASN B 408 -16.47 35.40 -2.71
CA ASN B 408 -16.34 35.14 -4.13
C ASN B 408 -16.93 33.81 -4.54
N ILE B 409 -17.86 33.30 -3.75
CA ILE B 409 -18.61 32.12 -4.14
C ILE B 409 -19.99 32.53 -4.64
N ASP B 410 -20.31 32.15 -5.87
CA ASP B 410 -21.63 32.41 -6.42
C ASP B 410 -22.70 31.84 -5.51
N HIS B 411 -23.78 32.59 -5.32
CA HIS B 411 -24.85 32.21 -4.38
C HIS B 411 -25.51 30.88 -4.73
N HIS B 412 -25.39 30.44 -5.98
CA HIS B 412 -26.00 29.20 -6.42
C HIS B 412 -25.43 28.00 -5.68
N ILE B 413 -24.18 28.10 -5.25
CA ILE B 413 -23.48 26.94 -4.71
C ILE B 413 -22.94 27.18 -3.30
N LEU B 414 -23.29 28.33 -2.73
CA LEU B 414 -22.84 28.69 -1.38
C LEU B 414 -23.17 27.61 -0.34
N HIS B 415 -24.25 26.87 -0.57
CA HIS B 415 -24.68 25.84 0.37
C HIS B 415 -23.57 24.82 0.59
N VAL B 416 -22.82 24.52 -0.47
CA VAL B 416 -21.70 23.59 -0.37
C VAL B 416 -20.79 24.04 0.76
N ALA B 417 -20.41 25.32 0.72
CA ALA B 417 -19.51 25.88 1.71
C ALA B 417 -20.07 25.65 3.10
N VAL B 418 -21.37 25.92 3.24
CA VAL B 418 -22.03 25.75 4.52
C VAL B 418 -21.81 24.32 4.99
N ASP B 419 -22.17 23.37 4.12
CA ASP B 419 -22.05 21.96 4.44
C ASP B 419 -20.61 21.61 4.82
N VAL B 420 -19.65 22.19 4.10
CA VAL B 420 -18.24 21.93 4.38
C VAL B 420 -17.96 22.24 5.84
N ILE B 421 -18.34 23.44 6.26
CA ILE B 421 -18.11 23.87 7.62
C ILE B 421 -18.75 22.86 8.56
N LYS B 422 -19.99 22.50 8.24
CA LYS B 422 -20.72 21.59 9.10
C LYS B 422 -19.98 20.27 9.20
N GLU B 423 -19.46 19.77 8.08
CA GLU B 423 -18.78 18.48 8.08
C GLU B 423 -17.50 18.61 8.89
N SER B 424 -16.85 19.77 8.76
CA SER B 424 -15.65 20.06 9.52
C SER B 424 -15.93 19.92 11.00
N ARG B 425 -17.14 20.27 11.41
CA ARG B 425 -17.50 20.22 12.83
C ARG B 425 -17.87 18.79 13.23
N VAL B 426 -18.39 18.02 12.28
CA VAL B 426 -18.66 16.62 12.54
C VAL B 426 -17.33 15.86 12.62
N LEU B 427 -16.40 16.23 11.74
CA LEU B 427 -15.08 15.62 11.70
C LEU B 427 -14.19 16.07 12.85
N ARG B 428 -14.68 17.02 13.65
CA ARG B 428 -13.94 17.56 14.78
C ARG B 428 -12.52 17.97 14.41
N LEU B 429 -12.40 18.71 13.31
CA LEU B 429 -11.10 19.22 12.87
C LEU B 429 -10.53 20.20 13.88
N GLN B 430 -9.21 20.13 14.08
CA GLN B 430 -8.53 21.08 14.97
C GLN B 430 -8.59 22.48 14.38
N PRO B 431 -8.34 23.51 15.21
CA PRO B 431 -8.44 24.84 14.64
C PRO B 431 -7.35 25.14 13.61
N PHE B 432 -7.63 26.14 12.79
CA PHE B 432 -6.74 26.59 11.75
C PHE B 432 -5.29 26.71 12.22
N ASN B 433 -5.08 27.41 13.32
CA ASN B 433 -3.72 27.67 13.81
C ASN B 433 -2.92 26.41 14.12
N GLU B 434 -3.62 25.39 14.58
CA GLU B 434 -2.99 24.11 14.84
C GLU B 434 -2.46 23.54 13.54
N TYR B 435 -3.24 23.66 12.47
CA TYR B 435 -2.80 23.17 11.18
C TYR B 435 -1.69 24.05 10.62
N ARG B 436 -1.73 25.32 11.00
CA ARG B 436 -0.69 26.26 10.62
C ARG B 436 0.63 25.75 11.13
N LYS B 437 0.69 25.52 12.42
CA LYS B 437 1.89 24.98 13.02
C LYS B 437 2.23 23.63 12.40
N ARG B 438 1.21 22.83 12.12
CA ARG B 438 1.37 21.49 11.58
C ARG B 438 2.05 21.51 10.21
N PHE B 439 1.91 22.61 9.48
CA PHE B 439 2.58 22.68 8.19
C PHE B 439 3.66 23.74 8.17
N GLY B 440 4.28 23.97 9.33
CA GLY B 440 5.51 24.72 9.41
C GLY B 440 5.36 26.23 9.43
N MET B 441 4.18 26.70 9.80
CA MET B 441 3.92 28.13 9.86
C MET B 441 3.63 28.57 11.28
N LYS B 442 3.87 29.84 11.56
CA LYS B 442 3.49 30.40 12.85
C LYS B 442 1.98 30.60 12.90
N PRO B 443 1.39 30.33 14.07
CA PRO B 443 -0.03 30.63 14.24
C PRO B 443 -0.27 32.14 14.18
N TYR B 444 -1.45 32.54 13.71
CA TYR B 444 -1.79 33.96 13.68
C TYR B 444 -2.11 34.46 15.08
N THR B 445 -1.80 35.72 15.34
CA THR B 445 -2.07 36.31 16.63
C THR B 445 -3.42 37.03 16.67
N SER B 446 -3.93 37.41 15.50
CA SER B 446 -5.22 38.10 15.44
C SER B 446 -5.91 37.90 14.09
N PHE B 447 -7.20 38.17 14.06
CA PHE B 447 -7.99 38.11 12.83
C PHE B 447 -7.54 39.17 11.85
N GLN B 448 -7.01 40.28 12.37
CA GLN B 448 -6.51 41.34 11.54
C GLN B 448 -5.30 40.86 10.76
N GLU B 449 -4.45 40.11 11.45
CA GLU B 449 -3.25 39.56 10.86
C GLU B 449 -3.59 38.53 9.79
N LEU B 450 -4.72 37.84 9.98
CA LEU B 450 -5.20 36.87 9.00
C LEU B 450 -5.76 37.52 7.76
N THR B 451 -6.72 38.43 7.96
CA THR B 451 -7.46 39.03 6.86
C THR B 451 -6.70 40.14 6.17
N GLY B 452 -5.81 40.79 6.93
CA GLY B 452 -5.08 41.92 6.40
C GLY B 452 -5.94 43.18 6.34
N GLU B 453 -7.15 43.09 6.87
CA GLU B 453 -8.04 44.25 6.99
C GLU B 453 -8.51 44.36 8.44
N LYS B 454 -9.59 45.11 8.67
CA LYS B 454 -10.04 45.36 10.04
C LYS B 454 -11.51 45.06 10.27
N GLU B 455 -12.32 45.19 9.23
CA GLU B 455 -13.77 45.04 9.38
C GLU B 455 -14.15 43.58 9.59
N MET B 456 -13.92 42.77 8.57
CA MET B 456 -14.11 41.32 8.67
C MET B 456 -13.38 40.78 9.89
N ALA B 457 -12.18 41.30 10.15
CA ALA B 457 -11.40 40.86 11.29
C ALA B 457 -12.15 41.11 12.57
N ALA B 458 -12.73 42.30 12.68
CA ALA B 458 -13.47 42.69 13.87
C ALA B 458 -14.70 41.80 14.05
N GLU B 459 -15.46 41.60 12.98
CA GLU B 459 -16.66 40.79 13.14
C GLU B 459 -16.35 39.32 13.40
N LEU B 460 -15.29 38.81 12.77
CA LEU B 460 -14.89 37.43 13.00
C LEU B 460 -14.46 37.26 14.42
N GLU B 461 -13.76 38.25 14.94
CA GLU B 461 -13.37 38.27 16.34
C GLU B 461 -14.61 38.22 17.21
N GLU B 462 -15.63 38.96 16.80
CA GLU B 462 -16.89 38.95 17.51
C GLU B 462 -17.49 37.56 17.52
N LEU B 463 -17.45 36.89 16.38
CA LEU B 463 -18.11 35.60 16.22
C LEU B 463 -17.37 34.46 16.93
N TYR B 464 -16.06 34.41 16.76
CA TYR B 464 -15.26 33.30 17.27
C TYR B 464 -14.74 33.55 18.68
N GLY B 465 -14.46 34.82 18.99
CA GLY B 465 -14.02 35.19 20.32
C GLY B 465 -12.51 35.10 20.47
N ASP B 466 -11.93 34.08 19.84
CA ASP B 466 -10.48 33.87 19.86
C ASP B 466 -10.05 33.41 18.48
N ILE B 467 -8.87 33.85 18.06
CA ILE B 467 -8.31 33.45 16.76
C ILE B 467 -7.96 31.95 16.77
N ASP B 468 -7.60 31.45 17.95
CA ASP B 468 -7.26 30.04 18.13
C ASP B 468 -8.47 29.13 17.98
N ALA B 469 -9.63 29.74 17.72
CA ALA B 469 -10.86 28.98 17.54
C ALA B 469 -11.36 29.09 16.11
N LEU B 470 -10.65 29.87 15.30
CA LEU B 470 -10.97 29.95 13.89
C LEU B 470 -10.87 28.58 13.23
N GLU B 471 -11.90 28.24 12.46
CA GLU B 471 -11.98 26.94 11.82
C GLU B 471 -11.12 26.89 10.56
N PHE B 472 -10.78 25.67 10.15
CA PHE B 472 -9.81 25.39 9.09
C PHE B 472 -10.19 25.97 7.72
N TYR B 473 -11.31 25.53 7.17
CA TYR B 473 -11.74 25.96 5.83
C TYR B 473 -12.10 27.47 5.76
N PRO B 474 -12.83 27.98 6.76
CA PRO B 474 -12.99 29.44 6.81
C PRO B 474 -11.66 30.16 6.84
N GLY B 475 -10.73 29.66 7.64
CA GLY B 475 -9.40 30.24 7.72
C GLY B 475 -8.69 30.26 6.36
N LEU B 476 -8.83 29.17 5.62
CA LEU B 476 -8.21 29.07 4.30
C LEU B 476 -8.80 30.09 3.34
N LEU B 477 -10.12 30.21 3.35
CA LEU B 477 -10.78 31.06 2.36
C LEU B 477 -10.81 32.54 2.71
N LEU B 478 -10.57 32.86 3.98
CA LEU B 478 -10.61 34.24 4.43
C LEU B 478 -9.23 34.84 4.62
N GLU B 479 -8.22 33.99 4.67
CA GLU B 479 -6.85 34.45 4.75
C GLU B 479 -6.52 35.38 3.57
N LYS B 480 -5.70 36.39 3.83
CA LYS B 480 -5.29 37.32 2.79
C LYS B 480 -4.46 36.63 1.71
N CYS B 481 -4.68 37.02 0.46
CA CYS B 481 -3.94 36.43 -0.65
C CYS B 481 -2.54 36.98 -0.74
N HIS B 482 -1.64 36.19 -1.31
CA HIS B 482 -0.36 36.71 -1.74
C HIS B 482 -0.64 37.75 -2.83
N PRO B 483 0.24 38.76 -2.96
CA PRO B 483 0.05 39.83 -3.92
C PRO B 483 -0.22 39.30 -5.32
N ASN B 484 -1.38 39.64 -5.87
CA ASN B 484 -1.78 39.22 -7.20
C ASN B 484 -1.97 37.72 -7.35
N SER B 485 -2.01 37.00 -6.23
CA SER B 485 -2.12 35.55 -6.29
C SER B 485 -3.56 35.08 -6.16
N ILE B 486 -3.80 33.80 -6.36
CA ILE B 486 -5.15 33.27 -6.38
C ILE B 486 -5.62 32.85 -4.98
N PHE B 487 -4.68 32.65 -4.07
CA PHE B 487 -5.04 32.48 -2.66
C PHE B 487 -3.87 32.79 -1.74
N GLY B 488 -4.02 32.41 -0.47
CA GLY B 488 -3.07 32.77 0.57
C GLY B 488 -1.97 31.74 0.74
N GLU B 489 -1.11 31.98 1.71
CA GLU B 489 0.03 31.10 1.91
C GLU B 489 -0.40 29.75 2.49
N SER B 490 -1.49 29.74 3.22
CA SER B 490 -1.89 28.52 3.89
C SER B 490 -2.38 27.50 2.89
N MET B 491 -3.12 27.99 1.90
CA MET B 491 -3.62 27.13 0.85
C MET B 491 -2.46 26.41 0.18
N ILE B 492 -1.39 27.15 -0.08
CA ILE B 492 -0.23 26.59 -0.76
C ILE B 492 0.56 25.64 0.12
N GLU B 493 0.97 26.11 1.29
CA GLU B 493 1.83 25.32 2.16
C GLU B 493 1.14 24.07 2.72
N MET B 494 -0.19 24.09 2.76
CA MET B 494 -0.93 22.90 3.17
C MET B 494 -1.29 22.01 1.99
N GLY B 495 -1.62 22.63 0.85
CA GLY B 495 -2.08 21.88 -0.31
C GLY B 495 -0.97 21.20 -1.10
N ALA B 496 0.16 21.87 -1.21
CA ALA B 496 1.30 21.36 -1.96
C ALA B 496 1.77 19.98 -1.51
N PRO B 497 1.96 19.77 -0.19
CA PRO B 497 2.41 18.45 0.26
C PRO B 497 1.45 17.31 -0.12
N PHE B 498 0.16 17.50 0.15
CA PHE B 498 -0.84 16.52 -0.24
C PHE B 498 -0.76 16.27 -1.72
N SER B 499 -0.75 17.38 -2.45
CA SER B 499 -0.75 17.35 -3.90
C SER B 499 0.39 16.50 -4.47
N LEU B 500 1.63 16.83 -4.13
CA LEU B 500 2.75 16.12 -4.76
C LEU B 500 2.92 14.72 -4.18
N LYS B 501 2.48 14.52 -2.94
CA LYS B 501 2.50 13.18 -2.38
C LYS B 501 1.56 12.29 -3.19
N GLY B 502 0.45 12.86 -3.61
CA GLY B 502 -0.53 12.11 -4.39
C GLY B 502 -0.08 11.91 -5.82
N LEU B 503 0.68 12.87 -6.35
CA LEU B 503 1.14 12.75 -7.74
C LEU B 503 2.33 11.80 -7.84
N LEU B 504 3.37 12.07 -7.08
CA LEU B 504 4.60 11.26 -7.14
C LEU B 504 4.50 9.96 -6.37
N GLY B 505 3.59 9.91 -5.39
CA GLY B 505 3.39 8.71 -4.59
C GLY B 505 2.75 7.59 -5.39
N ASN B 506 2.32 7.91 -6.60
CA ASN B 506 1.77 6.93 -7.53
C ASN B 506 2.81 5.87 -7.90
N PRO B 507 2.39 4.60 -7.96
CA PRO B 507 3.36 3.51 -8.20
C PRO B 507 4.05 3.60 -9.54
N ILE B 508 3.44 4.21 -10.54
CA ILE B 508 4.10 4.29 -11.85
C ILE B 508 5.33 5.17 -11.74
N CYS B 509 5.42 5.93 -10.66
CA CYS B 509 6.54 6.83 -10.42
C CYS B 509 7.67 6.11 -9.72
N SER B 510 7.50 4.81 -9.51
CA SER B 510 8.49 4.02 -8.81
C SER B 510 9.53 3.49 -9.78
N PRO B 511 10.75 3.23 -9.27
CA PRO B 511 11.81 2.61 -10.06
C PRO B 511 11.34 1.32 -10.69
N GLU B 512 10.45 0.63 -9.99
CA GLU B 512 9.94 -0.64 -10.47
C GLU B 512 9.03 -0.50 -11.68
N TYR B 513 8.26 0.60 -11.74
CA TYR B 513 7.29 0.74 -12.81
C TYR B 513 7.78 1.66 -13.91
N TRP B 514 8.66 2.60 -13.57
CA TRP B 514 9.04 3.65 -14.50
C TRP B 514 9.98 3.15 -15.60
N LYS B 515 9.44 2.30 -16.47
CA LYS B 515 10.21 1.70 -17.56
C LYS B 515 9.43 1.80 -18.85
N ALA B 516 10.12 1.65 -19.98
CA ALA B 516 9.48 1.65 -21.28
C ALA B 516 8.52 0.48 -21.39
N SER B 517 8.94 -0.69 -20.91
CA SER B 517 8.12 -1.89 -20.99
C SER B 517 6.75 -1.67 -20.38
N THR B 518 6.70 -0.89 -19.31
CA THR B 518 5.44 -0.69 -18.60
C THR B 518 4.40 -0.02 -19.49
N PHE B 519 4.87 0.83 -20.41
CA PHE B 519 3.97 1.58 -21.27
C PHE B 519 3.98 1.04 -22.69
N GLY B 520 4.37 -0.22 -22.83
CA GLY B 520 4.36 -0.87 -24.12
C GLY B 520 5.49 -0.46 -25.03
N GLY B 521 6.49 0.21 -24.48
CA GLY B 521 7.66 0.55 -25.26
C GLY B 521 7.93 2.03 -25.30
N GLU B 522 8.73 2.44 -26.28
CA GLU B 522 9.19 3.81 -26.35
C GLU B 522 8.06 4.74 -26.72
N VAL B 523 7.15 4.25 -27.56
CA VAL B 523 6.04 5.07 -28.02
C VAL B 523 5.13 5.49 -26.85
N GLY B 524 4.77 4.54 -26.01
CA GLY B 524 3.93 4.86 -24.87
C GLY B 524 4.65 5.74 -23.87
N PHE B 525 5.90 5.37 -23.60
CA PHE B 525 6.73 6.10 -22.66
C PHE B 525 6.82 7.56 -23.05
N ASN B 526 7.00 7.78 -24.35
CA ASN B 526 7.07 9.13 -24.88
C ASN B 526 5.72 9.84 -24.81
N LEU B 527 4.63 9.12 -25.08
CA LEU B 527 3.30 9.68 -24.89
C LEU B 527 3.15 10.27 -23.51
N VAL B 528 3.58 9.52 -22.50
CA VAL B 528 3.58 10.03 -21.15
C VAL B 528 4.49 11.24 -21.02
N LYS B 529 5.72 11.11 -21.51
CA LYS B 529 6.74 12.13 -21.29
C LYS B 529 6.44 13.46 -21.97
N THR B 530 5.72 13.43 -23.08
CA THR B 530 5.47 14.66 -23.83
C THR B 530 4.03 15.14 -23.77
N ALA B 531 3.26 14.58 -22.84
CA ALA B 531 1.86 14.94 -22.68
C ALA B 531 1.66 16.42 -22.35
N THR B 532 0.87 17.12 -23.16
CA THR B 532 0.42 18.47 -22.84
C THR B 532 -1.09 18.57 -22.98
N LEU B 533 -1.65 19.68 -22.50
CA LEU B 533 -3.09 19.93 -22.60
C LEU B 533 -3.51 20.08 -24.05
N LYS B 534 -2.74 20.88 -24.78
CA LYS B 534 -3.00 21.15 -26.18
C LYS B 534 -3.08 19.85 -26.97
N LYS B 535 -2.11 18.98 -26.76
CA LYS B 535 -2.09 17.71 -27.49
C LYS B 535 -3.30 16.87 -27.10
N LEU B 536 -3.55 16.76 -25.80
CA LEU B 536 -4.65 15.97 -25.28
C LEU B 536 -5.96 16.36 -25.92
N VAL B 537 -6.15 17.65 -26.15
CA VAL B 537 -7.36 18.10 -26.82
C VAL B 537 -7.27 17.90 -28.33
N CYS B 538 -6.35 18.60 -28.98
CA CYS B 538 -6.35 18.71 -30.43
C CYS B 538 -6.11 17.40 -31.17
N LEU B 539 -5.35 16.51 -30.56
CA LEU B 539 -5.04 15.23 -31.20
C LEU B 539 -6.28 14.35 -31.29
N ASN B 540 -7.31 14.73 -30.56
CA ASN B 540 -8.54 13.96 -30.57
C ASN B 540 -9.68 14.75 -31.19
N THR B 541 -9.35 15.92 -31.76
CA THR B 541 -10.36 16.74 -32.41
C THR B 541 -10.07 16.91 -33.88
N LYS B 542 -11.10 17.33 -34.60
CA LYS B 542 -10.94 17.68 -36.00
C LYS B 542 -10.18 18.98 -36.10
N THR B 543 -10.68 20.01 -35.40
CA THR B 543 -10.02 21.30 -35.39
C THR B 543 -9.43 21.61 -34.01
N CYS B 544 -8.55 22.60 -33.97
CA CYS B 544 -7.82 22.92 -32.76
C CYS B 544 -8.24 24.27 -32.21
N PRO B 545 -8.95 24.27 -31.07
CA PRO B 545 -9.40 25.50 -30.44
C PRO B 545 -8.33 26.11 -29.54
N TYR B 546 -8.63 27.25 -28.95
CA TYR B 546 -7.75 27.79 -27.93
C TYR B 546 -7.84 26.89 -26.72
N VAL B 547 -6.70 26.33 -26.31
CA VAL B 547 -6.69 25.41 -25.20
C VAL B 547 -5.56 25.77 -24.23
N SER B 548 -5.95 26.15 -23.02
CA SER B 548 -5.01 26.66 -22.04
C SER B 548 -5.64 26.82 -20.66
N PHE B 549 -4.81 26.75 -19.63
CA PHE B 549 -5.27 26.94 -18.25
C PHE B 549 -5.36 28.42 -17.87
N HIS B 550 -4.94 29.30 -18.77
CA HIS B 550 -5.09 30.72 -18.51
C HIS B 550 -5.73 31.42 -19.68
N VAL B 551 -6.31 32.58 -19.40
CA VAL B 551 -6.92 33.39 -20.45
C VAL B 551 -5.84 33.92 -21.38
N PRO B 552 -6.20 34.14 -22.65
CA PRO B 552 -5.23 34.49 -23.70
C PRO B 552 -4.49 35.82 -23.50
N ASP B 553 -4.86 36.58 -22.48
CA ASP B 553 -4.20 37.87 -22.26
C ASP B 553 -4.37 38.37 -20.82
C1 NAG C . -10.18 -8.87 -8.24
C2 NAG C . -11.62 -8.37 -8.00
C3 NAG C . -12.61 -9.52 -8.10
C4 NAG C . -12.46 -10.23 -9.43
C5 NAG C . -11.02 -10.70 -9.57
C6 NAG C . -10.72 -11.37 -10.89
C7 NAG C . -11.77 -6.36 -6.62
C8 NAG C . -11.89 -5.82 -5.22
N2 NAG C . -11.73 -7.69 -6.72
O3 NAG C . -13.94 -9.02 -7.96
O4 NAG C . -13.38 -11.31 -9.53
O5 NAG C . -10.12 -9.57 -9.48
O6 NAG C . -10.89 -10.47 -11.97
O7 NAG C . -11.70 -5.61 -7.60
C1 NAG C . -14.14 -11.34 -10.80
C2 NAG C . -14.74 -12.74 -10.90
C3 NAG C . -15.51 -12.91 -12.20
C4 NAG C . -16.50 -11.76 -12.39
C5 NAG C . -15.76 -10.43 -12.28
C6 NAG C . -16.67 -9.22 -12.37
C7 NAG C . -13.39 -14.38 -9.67
C8 NAG C . -12.28 -15.39 -9.77
N2 NAG C . -13.70 -13.75 -10.80
O3 NAG C . -16.21 -14.14 -12.18
O4 NAG C . -17.13 -11.86 -13.66
O5 NAG C . -15.14 -10.36 -10.98
O6 NAG C . -16.90 -8.66 -11.09
O7 NAG C . -13.98 -14.15 -8.62
C1 NAG D . -7.71 -37.39 21.17
C2 NAG D . -8.14 -38.86 20.95
C3 NAG D . -8.31 -39.60 22.29
C4 NAG D . -7.18 -39.29 23.27
C5 NAG D . -6.95 -37.79 23.32
C6 NAG D . -5.83 -37.37 24.24
C7 NAG D . -9.57 -39.38 19.01
C8 NAG D . -10.96 -39.29 18.44
N2 NAG D . -9.40 -38.87 20.23
O3 NAG D . -8.30 -41.00 22.02
O4 NAG D . -7.53 -39.77 24.56
O5 NAG D . -6.61 -37.33 22.02
O6 NAG D . -6.16 -36.17 24.94
O7 NAG D . -8.65 -39.92 18.40
C1 NAG D . -6.58 -40.61 25.24
C2 NAG D . -6.99 -40.99 26.65
C3 NAG D . -5.99 -41.99 27.23
C4 NAG D . -5.91 -43.20 26.32
C5 NAG D . -5.56 -42.76 24.89
C6 NAG D . -5.60 -43.90 23.90
C7 NAG D . -8.28 -39.27 27.83
C8 NAG D . -8.22 -38.06 28.73
N2 NAG D . -7.10 -39.82 27.51
O3 NAG D . -6.42 -42.39 28.53
O4 NAG D . -4.90 -44.09 26.79
O5 NAG D . -6.51 -41.79 24.42
O6 NAG D . -4.38 -44.00 23.18
O7 NAG D . -9.35 -39.73 27.42
C1 NAG E . -13.89 -0.31 7.24
C2 NAG E . -14.57 -1.68 6.92
C3 NAG E . -16.10 -1.51 6.86
C4 NAG E . -16.56 -0.85 8.15
C5 NAG E . -15.89 0.50 8.30
C6 NAG E . -16.23 1.24 9.57
C7 NAG E . -13.39 -3.34 5.58
C8 NAG E . -13.00 -3.76 4.19
N2 NAG E . -14.10 -2.22 5.66
O3 NAG E . -16.72 -2.79 6.78
O4 NAG E . -17.95 -0.64 8.11
O5 NAG E . -14.49 0.25 8.41
O6 NAG E . -16.06 0.39 10.69
O7 NAG E . -13.10 -4.03 6.59
C1 NAG E . -18.61 -1.06 9.33
C2 NAG E . -19.94 -0.35 9.36
C3 NAG E . -20.79 -0.75 10.56
C4 NAG E . -20.80 -2.25 10.78
C5 NAG E . -19.38 -2.77 10.75
C6 NAG E . -19.27 -4.23 11.03
C7 NAG E . -20.20 1.77 8.34
C8 NAG E . -20.13 3.23 8.52
N2 NAG E . -19.79 1.08 9.36
O3 NAG E . -22.12 -0.40 10.26
O4 NAG E . -21.40 -2.46 12.04
O5 NAG E . -18.87 -2.43 9.47
O6 NAG E . -19.28 -4.96 9.83
O7 NAG E . -20.63 1.30 7.35
C1 NAG F . -29.01 23.47 -22.60
C2 NAG F . -30.32 24.28 -22.46
C3 NAG F . -30.85 24.77 -23.82
C4 NAG F . -29.74 25.30 -24.72
C5 NAG F . -28.56 24.34 -24.72
C6 NAG F . -27.38 24.78 -25.54
C7 NAG F . -31.88 23.69 -20.64
C8 NAG F . -32.88 22.67 -20.17
N2 NAG F . -31.32 23.43 -21.83
O3 NAG F . -31.79 25.82 -23.60
O4 NAG F . -30.23 25.46 -26.03
O5 NAG F . -28.10 24.19 -23.38
O6 NAG F . -26.80 23.69 -26.24
O7 NAG F . -31.58 24.68 -19.98
C1 NAG F . -30.09 26.85 -26.42
C2 NAG F . -30.45 27.01 -27.90
C3 NAG F . -30.45 28.47 -28.35
C4 NAG F . -30.67 29.51 -27.24
C5 NAG F . -31.42 28.93 -26.03
C6 NAG F . -32.88 28.63 -26.39
C7 NAG F . -29.89 25.07 -29.24
C8 NAG F . -28.81 24.33 -29.98
N2 NAG F . -29.53 26.24 -28.71
O3 NAG F . -31.46 28.65 -29.35
O4 NAG F . -29.42 30.03 -26.82
O5 NAG F . -30.79 27.74 -25.53
O6 NAG F . -33.73 29.11 -25.34
O7 NAG F . -31.02 24.62 -29.13
CHA HEM G . -1.74 -26.51 2.60
CHB HEM G . -2.39 -30.40 5.43
CHC HEM G . 1.53 -29.27 8.01
CHD HEM G . 2.35 -25.49 5.07
C1A HEM G . -2.27 -27.66 3.17
C2A HEM G . -3.49 -28.30 2.76
C3A HEM G . -3.67 -29.37 3.53
C4A HEM G . -2.57 -29.44 4.46
CMA HEM G . -4.84 -30.37 3.46
CAA HEM G . -4.43 -27.84 1.62
CBA HEM G . -4.11 -28.61 0.34
CGA HEM G . -5.23 -28.43 -0.66
O1A HEM G . -6.17 -27.63 -0.38
O2A HEM G . -5.18 -29.09 -1.73
C1B HEM G . -1.45 -30.39 6.42
C2B HEM G . -1.43 -31.23 7.60
C3B HEM G . -0.35 -30.92 8.33
C4B HEM G . 0.37 -29.87 7.61
CMB HEM G . -2.53 -32.27 7.90
CAB HEM G . 0.16 -31.49 9.68
CBB HEM G . -0.44 -32.46 10.37
C1C HEM G . 2.07 -28.12 7.47
C2C HEM G . 3.16 -27.35 8.03
C3C HEM G . 3.41 -26.31 7.23
C4C HEM G . 2.46 -26.37 6.13
CMC HEM G . 3.93 -27.70 9.32
CAC HEM G . 4.51 -25.26 7.50
CBC HEM G . 4.79 -24.24 6.68
C1D HEM G . 1.29 -25.34 4.20
C2D HEM G . 1.05 -24.20 3.36
C3D HEM G . -0.24 -24.50 2.59
C4D HEM G . -0.63 -25.82 3.03
CMD HEM G . 1.89 -22.90 3.26
CAD HEM G . -0.94 -23.58 1.55
CBD HEM G . -2.14 -22.87 2.18
CGD HEM G . -2.80 -21.93 1.20
O1D HEM G . -2.25 -21.72 0.10
O2D HEM G . -3.88 -21.37 1.53
NA HEM G . -1.72 -28.38 4.22
NB HEM G . -0.33 -29.58 6.46
NC HEM G . 1.66 -27.49 6.31
ND HEM G . 0.29 -26.28 3.98
FE HEM G . 0.07 -27.93 5.25
C1 NAG H . 19.26 -13.67 -27.42
C2 NAG H . 20.35 -14.13 -28.39
C3 NAG H . 19.73 -14.92 -29.53
C4 NAG H . 18.91 -16.08 -28.99
C5 NAG H . 17.88 -15.56 -27.99
C6 NAG H . 17.09 -16.66 -27.32
C7 NAG H . 22.28 -12.61 -28.38
C8 NAG H . 22.91 -11.42 -29.02
N2 NAG H . 21.10 -13.00 -28.90
O3 NAG H . 20.75 -15.44 -30.38
O4 NAG H . 18.26 -16.76 -30.06
O5 NAG H . 18.53 -14.82 -26.95
O6 NAG H . 17.94 -17.54 -26.59
O7 NAG H . 22.78 -13.20 -27.42
CAW MXM I . 13.01 -20.70 3.84
CAW MXM I . 13.76 -21.03 3.90
CAV MXM I . 13.79 -19.51 4.36
CAV MXM I . 13.73 -19.61 4.44
SAT MXM I . 13.16 -18.09 4.90
SAT MXM I . 15.02 -18.76 4.80
CAU MXM I . 15.10 -19.49 4.42
CAU MXM I . 12.62 -18.91 4.67
NAS MXM I . 15.57 -18.34 4.91
NAS MXM I . 12.87 -17.68 5.15
CAR MXM I . 14.63 -17.44 5.21
CAR MXM I . 14.18 -17.42 5.29
NAP MXM I . 14.87 -16.21 5.68
NAP MXM I . 14.66 -16.25 5.72
CAN MXM I . 16.15 -15.84 5.90
CAN MXM I . 15.99 -16.00 5.83
OAQ MXM I . 17.13 -16.47 5.48
OAQ MXM I . 16.87 -16.72 5.38
CAG MXM I . 16.34 -14.55 6.38
CAG MXM I . 16.29 -14.72 6.29
CAC MXM I . 15.26 -13.82 6.96
CAC MXM I . 15.26 -13.93 6.87
OAH MXM I . 14.00 -14.29 6.73
OAH MXM I . 13.98 -14.39 6.70
CAA MXM I . 15.36 -12.52 7.49
CAA MXM I . 15.40 -12.65 7.41
CAD MXM I . 14.46 -11.99 8.39
CAD MXM I . 14.49 -12.12 8.32
CAI MXM I . 14.73 -10.75 8.98
CAI MXM I . 14.78 -10.90 8.93
CAM MXM I . 15.94 -10.11 8.76
CAM MXM I . 16.01 -10.27 8.71
CAF MXM I . 16.90 -10.70 7.92
CAF MXM I . 16.95 -10.86 7.87
CAB MXM I . 16.60 -11.96 7.43
CAB MXM I . 16.65 -12.12 7.36
SAE MXM I . 17.43 -12.68 6.41
SAE MXM I . 17.49 -12.87 6.28
OAK MXM I . 18.82 -12.06 6.48
OAK MXM I . 18.91 -12.34 6.38
OAL MXM I . 16.87 -12.42 5.00
OAL MXM I . 16.95 -12.55 4.88
NAJ MXM I . 17.62 -14.13 6.63
NAJ MXM I . 17.61 -14.37 6.49
CAO MXM I . 18.22 -14.94 7.71
CAO MXM I . 18.20 -15.22 7.56
CHA HEM J . -18.50 18.55 -3.75
CHB HEM J . -21.42 21.26 -6.48
CHC HEM J . -17.60 23.10 -8.80
CHD HEM J . -14.66 20.97 -5.59
C1A HEM J . -19.63 19.13 -4.29
C2A HEM J . -21.00 18.84 -3.90
C3A HEM J . -21.80 19.59 -4.66
C4A HEM J . -20.97 20.37 -5.54
CMA HEM J . -23.34 19.64 -4.63
CAA HEM J . -21.45 17.83 -2.81
CBA HEM J . -21.78 18.59 -1.52
CGA HEM J . -22.50 17.70 -0.53
O1A HEM J . -22.81 16.53 -0.87
O2A HEM J . -22.77 18.19 0.60
C1B HEM J . -20.64 21.91 -7.39
C2B HEM J . -21.13 22.60 -8.55
C3B HEM J . -20.09 23.12 -9.22
C4B HEM J . -18.89 22.76 -8.47
CMB HEM J . -22.64 22.67 -8.90
CAB HEM J . -20.06 23.96 -10.52
CBB HEM J . -21.15 24.47 -11.12
C1C HEM J . -16.48 22.68 -8.14
C2C HEM J . -15.12 22.99 -8.52
C3C HEM J . -14.29 22.40 -7.66
C4C HEM J . -15.11 21.69 -6.67
CMC HEM J . -14.71 23.83 -9.74
CAC HEM J . -12.76 22.50 -7.75
CBC HEM J . -11.93 21.76 -7.01
C1D HEM J . -15.40 20.08 -4.83
C2D HEM J . -14.85 19.14 -3.88
C3D HEM J . -16.07 18.38 -3.31
C4D HEM J . -17.21 18.95 -3.99
CMD HEM J . -13.37 18.94 -3.50
CAD HEM J . -16.09 17.26 -2.26
CBD HEM J . -16.37 15.93 -2.97
CGD HEM J . -16.33 14.78 -1.98
O1D HEM J . -16.05 14.99 -0.78
O2D HEM J . -16.57 13.62 -2.41
NA HEM J . -19.65 20.06 -5.29
NB HEM J . -19.26 22.03 -7.37
NC HEM J . -16.43 21.89 -7.01
ND HEM J . -16.78 19.94 -4.87
FE HEM J . -18.00 21.12 -6.05
C1 NAG K . 3.72 22.12 28.36
C2 NAG K . 4.20 23.31 29.16
C3 NAG K . 3.47 23.36 30.50
C4 NAG K . 1.97 23.35 30.29
C5 NAG K . 1.56 22.18 29.40
C6 NAG K . 0.11 22.24 28.99
C7 NAG K . 6.49 23.83 28.46
C8 NAG K . 7.95 23.71 28.79
N2 NAG K . 5.64 23.29 29.33
O3 NAG K . 3.84 24.54 31.20
O4 NAG K . 1.28 23.25 31.53
O5 NAG K . 2.30 22.19 28.18
O6 NAG K . -0.08 23.19 27.95
O7 NAG K . 6.10 24.39 27.44
CAW MXM L . -3.70 24.27 -3.48
CAW MXM L . -3.37 24.96 -3.58
CAV MXM L . -2.29 23.92 -3.91
CAV MXM L . -2.39 23.91 -4.05
SAT MXM L . -1.76 22.45 -4.41
SAT MXM L . -0.85 24.16 -4.33
CAU MXM L . -1.30 24.81 -3.93
CAU MXM L . -2.71 22.63 -4.30
NAS MXM L . -0.15 24.26 -4.34
NAS MXM L . -1.65 21.90 -4.71
CAR MXM L . -0.23 22.96 -4.66
CAR MXM L . -0.52 22.60 -4.77
NAP MXM L . 0.78 22.21 -5.07
NAP MXM L . 0.65 22.07 -5.13
CAN MXM L . 1.99 22.78 -5.21
CAN MXM L . 1.81 22.80 -5.17
OAQ MXM L . 2.29 23.90 -4.79
OAQ MXM L . 1.94 23.94 -4.73
CAG MXM L . 3.01 21.95 -5.64
CAG MXM L . 2.92 22.07 -5.56
CAC MXM L . 2.74 20.69 -6.25
CAC MXM L . 2.74 20.77 -6.15
OAH MXM L . 1.50 20.18 -6.09
OAH MXM L . 1.50 20.22 -6.04
CAA MXM L . 3.73 19.79 -6.71
CAA MXM L . 3.75 19.89 -6.60
CAD MXM L . 3.47 18.76 -7.60
CAD MXM L . 3.51 18.86 -7.49
CAI MXM L . 4.56 18.03 -8.10
CAI MXM L . 4.59 18.15 -8.02
CAM MXM L . 5.86 18.37 -7.77
CAM MXM L . 5.90 18.54 -7.72
CAF MXM L . 6.11 19.46 -6.93
CAF MXM L . 6.13 19.63 -6.89
CAB MXM L . 5.01 20.21 -6.54
CAB MXM L . 5.03 20.36 -6.48
SAE MXM L . 5.03 21.36 -5.51
SAE MXM L . 5.04 21.53 -5.41
OAK MXM L . 6.45 21.87 -5.41
OAK MXM L . 6.44 22.12 -5.40
OAL MXM L . 4.62 20.85 -4.11
OAL MXM L . 4.76 20.99 -3.99
NAJ MXM L . 4.25 22.49 -5.83
NAJ MXM L . 4.16 22.69 -5.69
CAO MXM L . 4.26 23.49 -6.92
CAO MXM L . 4.07 23.70 -6.77
#